data_4A95
#
_entry.id   4A95
#
_cell.length_a   57.490
_cell.length_b   121.560
_cell.length_c   179.010
_cell.angle_alpha   90.00
_cell.angle_beta   90.00
_cell.angle_gamma   90.00
#
_symmetry.space_group_name_H-M   'P 21 21 21'
#
loop_
_entity.id
_entity.type
_entity.pdbx_description
1 polymer 'GLYCYLPEPTIDE N-TETRADECANOYLTRANSFERASE'
2 non-polymer 3-(3-BUTYL-6-METHOXY-2-METHYL-QUINOLIN-4-YL)SULFANYLPROPANENITRILE
3 non-polymer 2-oxopentadecyl-CoA
4 non-polymer 'CHLORIDE ION'
5 non-polymer 'MAGNESIUM ION'
6 non-polymer 'SULFATE ION'
7 water water
#
_entity_poly.entity_id   1
_entity_poly.type   'polypeptide(L)'
_entity_poly.pdbx_seq_one_letter_code
;DYKFWYTQPVPKINDEFNESVNEPFISDNKVEDVRKDEYKLPPGYSWYVCDVKDEKDRSEIYTLLTDNYVEDDDNIFRFN
YSAEFLLWALTSPNYLKTWHIGVKYDASNKLIGFISAIPTDICIHKRTIKMAEVNFLCVHKTLRSKRLAPVLIKEITRRI
NLENIWQAIYTAGVYLPKPVSDARYYHRSINVKKLIEIGFSSLNSRLTMSRAIKLYRVEDTLNIKNMRLMKKKDVEGVHK
LLGSYLEQFNLYAVFTKEEIAHWFLPIENVIYTYVNEENGKIKDMISFYSLPSQILGNDKYSTLNAAYSFYNVTTTATFK
QLMQDAILLAKRNNFDVFNALEVMQNKSVFEDLKFGEGDGSLKYYLYNWKCASFAPAHVGIVLL
;
_entity_poly.pdbx_strand_id   A,B,C
#
# COMPACT_ATOMS: atom_id res chain seq x y z
N ASP A 1 -13.70 -15.15 37.27
CA ASP A 1 -12.52 -14.89 38.17
C ASP A 1 -11.17 -15.13 37.48
N TYR A 2 -11.14 -15.96 36.45
CA TYR A 2 -9.89 -16.37 35.76
C TYR A 2 -8.77 -16.71 36.74
N LYS A 3 -9.07 -17.65 37.63
CA LYS A 3 -8.09 -18.00 38.68
C LYS A 3 -6.84 -18.64 38.05
N PHE A 4 -7.03 -19.41 36.96
CA PHE A 4 -5.78 -19.94 36.30
C PHE A 4 -5.18 -18.87 35.41
N TRP A 5 -6.01 -18.21 34.59
CA TRP A 5 -5.42 -17.27 33.59
C TRP A 5 -4.70 -16.09 34.22
N TYR A 6 -5.23 -15.60 35.33
CA TYR A 6 -4.58 -14.51 36.05
C TYR A 6 -3.20 -14.81 36.62
N THR A 7 -2.84 -16.08 36.73
CA THR A 7 -1.49 -16.48 37.07
C THR A 7 -0.48 -16.45 35.93
N GLN A 8 -0.96 -16.33 34.67
CA GLN A 8 -0.15 -16.45 33.49
C GLN A 8 0.26 -15.02 32.97
N PRO A 9 1.34 -14.93 32.17
CA PRO A 9 1.79 -13.69 31.51
C PRO A 9 0.82 -13.32 30.33
N VAL A 10 -0.42 -12.97 30.67
CA VAL A 10 -1.40 -12.49 29.67
C VAL A 10 -2.03 -11.25 30.25
N PRO A 11 -2.70 -10.43 29.41
CA PRO A 11 -3.29 -9.18 29.90
C PRO A 11 -4.43 -9.49 30.85
N LYS A 12 -4.63 -8.59 31.82
CA LYS A 12 -5.89 -8.62 32.60
C LYS A 12 -7.06 -8.20 31.74
N ILE A 13 -8.27 -8.58 32.18
CA ILE A 13 -9.55 -8.18 31.58
C ILE A 13 -9.62 -6.70 31.23
N ASN A 14 -9.09 -5.84 32.08
CA ASN A 14 -9.10 -4.38 31.86
C ASN A 14 -7.93 -3.75 31.14
N ASP A 15 -6.90 -4.54 30.84
CA ASP A 15 -5.63 -4.04 30.27
C ASP A 15 -5.83 -3.57 28.82
N GLU A 16 -5.41 -2.33 28.55
CA GLU A 16 -5.39 -1.69 27.20
C GLU A 16 -4.05 -1.02 27.00
N PHE A 17 -3.41 -1.25 25.85
CA PHE A 17 -2.09 -0.78 25.62
C PHE A 17 -2.01 0.15 24.43
N ASN A 18 -1.15 1.15 24.54
CA ASN A 18 -0.93 1.98 23.40
C ASN A 18 -0.38 1.25 22.18
N GLU A 19 -0.57 1.87 21.00
CA GLU A 19 -0.12 1.24 19.76
C GLU A 19 1.39 1.06 19.70
N SER A 20 2.14 1.84 20.47
CA SER A 20 3.59 1.69 20.44
C SER A 20 4.13 0.58 21.36
N VAL A 21 3.28 0.05 22.24
CA VAL A 21 3.68 -1.08 23.11
C VAL A 21 3.62 -2.40 22.37
N ASN A 22 4.75 -3.10 22.39
CA ASN A 22 4.88 -4.32 21.59
C ASN A 22 6.04 -5.13 22.05
N GLU A 23 5.81 -5.92 23.09
CA GLU A 23 6.90 -6.53 23.83
C GLU A 23 6.34 -7.64 24.71
N PRO A 24 7.21 -8.55 25.18
CA PRO A 24 6.75 -9.56 26.14
C PRO A 24 6.27 -8.97 27.49
N PHE A 25 5.34 -9.65 28.15
CA PHE A 25 5.13 -9.41 29.59
C PHE A 25 6.38 -9.74 30.39
N ILE A 26 6.99 -10.87 30.12
CA ILE A 26 8.21 -11.30 30.84
C ILE A 26 9.31 -11.57 29.86
N SER A 27 10.37 -10.75 29.93
CA SER A 27 11.50 -10.87 29.08
CA SER A 27 11.47 -10.97 29.04
C SER A 27 12.67 -11.54 29.78
N ASP A 28 13.76 -11.75 29.06
CA ASP A 28 15.03 -12.26 29.69
C ASP A 28 14.92 -13.65 30.28
N ASN A 29 14.10 -14.51 29.65
CA ASN A 29 13.84 -15.85 30.13
C ASN A 29 15.01 -16.75 29.79
N LYS A 30 15.27 -17.71 30.66
CA LYS A 30 16.42 -18.61 30.45
C LYS A 30 16.01 -20.08 30.38
N VAL A 31 16.44 -20.77 29.32
CA VAL A 31 16.14 -22.17 29.13
C VAL A 31 16.69 -22.99 30.29
N GLU A 32 17.86 -22.62 30.78
CA GLU A 32 18.43 -23.32 31.93
C GLU A 32 17.54 -23.36 33.18
N ASP A 33 16.60 -22.40 33.33
CA ASP A 33 15.78 -22.30 34.55
C ASP A 33 14.50 -23.10 34.42
N VAL A 34 14.18 -23.54 33.21
CA VAL A 34 12.89 -24.19 32.96
C VAL A 34 12.79 -25.51 33.71
N ARG A 35 11.64 -25.80 34.31
CA ARG A 35 11.45 -27.00 35.05
C ARG A 35 11.69 -28.23 34.14
N LYS A 36 12.40 -29.24 34.65
CA LYS A 36 12.67 -30.41 33.88
C LYS A 36 11.74 -31.54 34.19
N ASP A 37 10.94 -31.39 35.24
CA ASP A 37 9.94 -32.40 35.60
C ASP A 37 8.59 -32.19 35.00
N GLU A 38 7.96 -33.28 34.55
CA GLU A 38 6.57 -33.17 34.04
C GLU A 38 5.62 -32.71 35.15
N TYR A 39 4.59 -31.95 34.78
CA TYR A 39 3.54 -31.50 35.66
C TYR A 39 2.81 -32.72 36.15
N LYS A 40 2.46 -32.70 37.42
CA LYS A 40 1.73 -33.75 38.05
C LYS A 40 0.26 -33.86 37.59
N LEU A 41 -0.13 -35.08 37.25
CA LEU A 41 -1.50 -35.40 36.92
C LEU A 41 -2.20 -36.06 38.11
N PRO A 42 -3.52 -35.96 38.16
CA PRO A 42 -4.21 -36.70 39.21
C PRO A 42 -3.93 -38.22 39.23
N PRO A 43 -4.14 -38.86 40.39
CA PRO A 43 -3.77 -40.26 40.43
C PRO A 43 -4.45 -41.10 39.37
N GLY A 44 -3.73 -42.01 38.70
CA GLY A 44 -4.40 -42.89 37.75
C GLY A 44 -4.30 -42.44 36.34
N TYR A 45 -3.62 -41.30 36.13
CA TYR A 45 -3.45 -40.73 34.79
C TYR A 45 -1.97 -40.48 34.47
N SER A 46 -1.60 -40.63 33.20
CA SER A 46 -0.21 -40.48 32.80
C SER A 46 -0.02 -39.67 31.53
N TRP A 47 1.11 -38.99 31.45
CA TRP A 47 1.42 -38.37 30.14
C TRP A 47 1.69 -39.40 29.06
N TYR A 48 1.37 -39.09 27.81
CA TYR A 48 1.64 -40.04 26.72
C TYR A 48 2.19 -39.20 25.57
N VAL A 49 3.33 -39.55 24.97
CA VAL A 49 3.75 -38.78 23.77
C VAL A 49 3.15 -39.48 22.56
N CYS A 50 2.33 -38.74 21.84
CA CYS A 50 1.62 -39.25 20.67
C CYS A 50 2.52 -39.20 19.46
N ASP A 51 2.56 -40.29 18.70
CA ASP A 51 3.24 -40.23 17.40
C ASP A 51 2.21 -40.06 16.27
N VAL A 52 1.97 -38.83 15.81
CA VAL A 52 0.92 -38.54 14.82
C VAL A 52 1.21 -39.18 13.46
N LYS A 53 2.47 -39.47 13.15
CA LYS A 53 2.76 -40.23 11.96
C LYS A 53 2.48 -41.76 12.07
N ASP A 54 2.11 -42.25 13.26
CA ASP A 54 1.75 -43.63 13.41
C ASP A 54 0.21 -43.66 13.24
N GLU A 55 -0.29 -44.51 12.35
CA GLU A 55 -1.70 -44.42 12.00
C GLU A 55 -2.49 -44.72 13.26
N LYS A 56 -2.02 -45.64 14.09
CA LYS A 56 -2.85 -46.03 15.25
C LYS A 56 -2.86 -45.00 16.36
N ASP A 57 -1.71 -44.36 16.67
CA ASP A 57 -1.71 -43.24 17.63
C ASP A 57 -2.56 -42.11 17.05
N ARG A 58 -2.46 -41.89 15.77
CA ARG A 58 -3.23 -40.80 15.14
C ARG A 58 -4.73 -41.04 15.22
N SER A 59 -5.12 -42.29 14.99
N SER A 59 -5.12 -42.29 15.01
CA SER A 59 -6.54 -42.66 15.11
CA SER A 59 -6.56 -42.62 15.12
C SER A 59 -7.09 -42.46 16.54
C SER A 59 -7.11 -42.46 16.56
N GLU A 60 -6.23 -42.61 17.56
CA GLU A 60 -6.63 -42.43 18.95
C GLU A 60 -6.91 -40.95 19.18
N ILE A 61 -6.02 -40.06 18.68
CA ILE A 61 -6.33 -38.66 18.73
C ILE A 61 -7.66 -38.31 18.03
N TYR A 62 -7.81 -38.87 16.82
CA TYR A 62 -9.03 -38.68 16.02
C TYR A 62 -10.30 -39.07 16.82
N THR A 63 -10.22 -40.19 17.48
CA THR A 63 -11.39 -40.65 18.26
C THR A 63 -11.71 -39.67 19.39
N LEU A 64 -10.72 -39.33 20.17
CA LEU A 64 -10.92 -38.37 21.26
C LEU A 64 -11.61 -37.10 20.74
N LEU A 65 -11.04 -36.53 19.67
CA LEU A 65 -11.61 -35.31 19.15
C LEU A 65 -12.99 -35.50 18.53
N THR A 66 -13.19 -36.55 17.74
CA THR A 66 -14.54 -36.84 17.20
C THR A 66 -15.60 -36.82 18.28
N ASP A 67 -15.30 -37.51 19.41
CA ASP A 67 -16.29 -37.62 20.48
C ASP A 67 -16.38 -36.44 21.43
N ASN A 68 -15.30 -35.66 21.54
CA ASN A 68 -15.18 -34.68 22.65
C ASN A 68 -14.72 -33.28 22.29
N TYR A 69 -14.63 -32.95 21.01
CA TYR A 69 -14.05 -31.61 20.72
C TYR A 69 -15.19 -30.59 20.67
N VAL A 70 -14.91 -29.37 20.21
CA VAL A 70 -15.83 -28.21 20.21
C VAL A 70 -17.19 -28.42 19.56
N GLU A 71 -18.26 -27.91 20.22
CA GLU A 71 -19.59 -27.91 19.68
C GLU A 71 -20.06 -26.50 19.62
N ASP A 72 -20.95 -26.19 18.70
CA ASP A 72 -21.47 -24.84 18.61
C ASP A 72 -22.39 -24.64 19.84
N ASP A 73 -22.63 -23.37 20.20
CA ASP A 73 -23.50 -22.95 21.33
C ASP A 73 -24.81 -23.67 21.40
N ASP A 74 -25.41 -23.93 20.25
CA ASP A 74 -26.68 -24.62 20.14
C ASP A 74 -26.60 -26.17 20.08
N ASN A 75 -25.39 -26.72 20.24
CA ASN A 75 -25.09 -28.17 20.10
C ASN A 75 -25.78 -28.84 18.91
N ILE A 76 -25.77 -28.17 17.77
CA ILE A 76 -26.19 -28.75 16.53
C ILE A 76 -25.02 -29.58 15.94
N PHE A 77 -23.81 -29.05 16.11
CA PHE A 77 -22.62 -29.57 15.40
C PHE A 77 -21.51 -29.86 16.43
N ARG A 78 -20.63 -30.77 16.05
CA ARG A 78 -19.30 -30.91 16.64
C ARG A 78 -18.26 -30.99 15.55
N PHE A 79 -17.21 -30.19 15.66
CA PHE A 79 -16.18 -30.30 14.63
C PHE A 79 -15.64 -31.73 14.53
N ASN A 80 -15.34 -32.18 13.31
CA ASN A 80 -14.84 -33.53 13.09
C ASN A 80 -13.63 -33.54 12.15
N TYR A 81 -12.54 -32.99 12.65
CA TYR A 81 -11.25 -32.92 11.93
C TYR A 81 -10.93 -34.35 11.58
N SER A 82 -10.52 -34.56 10.34
CA SER A 82 -10.18 -35.93 9.94
C SER A 82 -8.81 -36.33 10.44
N ALA A 83 -8.54 -37.65 10.40
CA ALA A 83 -7.20 -38.17 10.77
C ALA A 83 -6.14 -37.57 9.81
N GLU A 84 -6.45 -37.55 8.52
CA GLU A 84 -5.46 -36.98 7.62
C GLU A 84 -5.24 -35.51 7.78
N PHE A 85 -6.27 -34.75 8.18
CA PHE A 85 -6.09 -33.35 8.46
C PHE A 85 -5.17 -33.22 9.69
N LEU A 86 -5.40 -34.03 10.74
CA LEU A 86 -4.52 -33.93 11.92
C LEU A 86 -3.03 -34.19 11.57
N LEU A 87 -2.80 -35.17 10.74
CA LEU A 87 -1.43 -35.36 10.27
C LEU A 87 -0.84 -34.09 9.63
N TRP A 88 -1.61 -33.50 8.74
CA TRP A 88 -1.14 -32.28 8.03
C TRP A 88 -0.89 -31.12 9.01
N ALA A 89 -1.85 -30.91 9.93
CA ALA A 89 -1.82 -29.78 10.84
C ALA A 89 -0.67 -29.92 11.87
N LEU A 90 -0.21 -31.16 12.11
CA LEU A 90 0.74 -31.36 13.21
C LEU A 90 2.16 -31.63 12.77
N THR A 91 2.37 -31.84 11.47
CA THR A 91 3.70 -32.23 11.02
C THR A 91 4.34 -31.25 10.02
N SER A 92 4.00 -29.99 10.17
CA SER A 92 4.66 -28.91 9.43
C SER A 92 6.17 -28.82 9.70
N PRO A 93 6.88 -28.00 8.90
CA PRO A 93 8.32 -28.06 9.03
C PRO A 93 8.84 -27.80 10.47
N ASN A 94 9.82 -28.61 10.87
CA ASN A 94 10.43 -28.48 12.21
C ASN A 94 9.48 -28.83 13.39
N TYR A 95 8.33 -29.44 13.12
CA TYR A 95 7.50 -29.88 14.23
C TYR A 95 8.32 -30.78 15.20
N LEU A 96 7.87 -30.75 16.45
CA LEU A 96 8.33 -31.57 17.53
C LEU A 96 7.29 -32.61 17.95
N LYS A 97 7.62 -33.90 17.85
CA LYS A 97 6.75 -34.94 18.34
C LYS A 97 6.50 -34.73 19.84
N THR A 98 7.46 -34.18 20.54
CA THR A 98 7.21 -33.96 21.97
C THR A 98 6.22 -32.83 22.34
N TRP A 99 5.72 -32.09 21.33
CA TRP A 99 4.72 -31.08 21.54
C TRP A 99 3.33 -31.61 21.11
N HIS A 100 3.21 -32.93 20.98
CA HIS A 100 1.88 -33.56 20.69
C HIS A 100 1.66 -34.46 21.87
N ILE A 101 0.92 -33.90 22.83
CA ILE A 101 0.93 -34.41 24.20
C ILE A 101 -0.45 -35.00 24.51
N GLY A 102 -0.46 -36.27 24.90
CA GLY A 102 -1.65 -36.95 25.43
C GLY A 102 -1.69 -37.17 26.89
N VAL A 103 -2.91 -37.55 27.38
CA VAL A 103 -3.00 -38.03 28.74
C VAL A 103 -3.86 -39.27 28.66
N LYS A 104 -3.32 -40.36 29.22
CA LYS A 104 -4.09 -41.64 29.30
C LYS A 104 -4.63 -41.91 30.70
N TYR A 105 -5.79 -42.52 30.74
CA TYR A 105 -6.26 -43.18 31.95
C TYR A 105 -5.57 -44.54 32.03
N ASP A 106 -4.81 -44.77 33.11
CA ASP A 106 -3.94 -45.93 33.19
C ASP A 106 -4.73 -47.25 33.07
N ALA A 107 -5.83 -47.32 33.77
CA ALA A 107 -6.58 -48.61 33.90
C ALA A 107 -7.22 -49.06 32.62
N SER A 108 -7.63 -48.11 31.79
CA SER A 108 -8.20 -48.44 30.48
C SER A 108 -7.16 -48.37 29.37
N ASN A 109 -6.03 -47.70 29.63
CA ASN A 109 -5.11 -47.37 28.56
C ASN A 109 -5.76 -46.50 27.44
N LYS A 110 -6.74 -45.67 27.77
CA LYS A 110 -7.45 -44.87 26.79
C LYS A 110 -6.97 -43.39 26.86
N LEU A 111 -6.78 -42.78 25.71
CA LEU A 111 -6.46 -41.35 25.67
C LEU A 111 -7.66 -40.49 26.14
N ILE A 112 -7.52 -39.61 27.13
CA ILE A 112 -8.64 -38.83 27.61
C ILE A 112 -8.39 -37.36 27.56
N GLY A 113 -7.16 -37.02 27.12
CA GLY A 113 -6.77 -35.65 27.00
C GLY A 113 -5.72 -35.43 25.93
N PHE A 114 -5.65 -34.22 25.36
CA PHE A 114 -4.67 -33.87 24.28
C PHE A 114 -4.42 -32.37 24.27
N ILE A 115 -3.20 -32.01 23.89
CA ILE A 115 -2.93 -30.62 23.51
C ILE A 115 -1.74 -30.65 22.49
N SER A 116 -1.66 -29.71 21.55
CA SER A 116 -0.56 -29.71 20.60
C SER A 116 -0.06 -28.35 20.30
N ALA A 117 1.18 -28.33 19.87
CA ALA A 117 1.76 -27.08 19.35
C ALA A 117 2.64 -27.41 18.15
N ILE A 118 2.81 -26.41 17.27
CA ILE A 118 3.84 -26.45 16.17
C ILE A 118 4.58 -25.13 16.23
N PRO A 119 5.81 -25.12 15.79
CA PRO A 119 6.57 -23.82 15.70
C PRO A 119 6.21 -23.05 14.47
N THR A 120 6.10 -21.72 14.64
CA THR A 120 5.79 -20.82 13.55
CA THR A 120 5.80 -20.82 13.53
C THR A 120 6.42 -19.45 13.83
N ASP A 121 6.93 -18.74 12.81
CA ASP A 121 7.35 -17.36 12.99
C ASP A 121 6.18 -16.46 12.83
N ILE A 122 5.96 -15.63 13.85
CA ILE A 122 4.72 -14.81 13.84
C ILE A 122 5.14 -13.37 13.88
N CYS A 123 4.63 -12.55 12.98
CA CYS A 123 4.93 -11.10 12.96
C CYS A 123 3.72 -10.38 13.57
N ILE A 124 3.96 -9.68 14.68
CA ILE A 124 2.93 -8.91 15.40
C ILE A 124 3.45 -7.48 15.40
N HIS A 125 2.67 -6.57 14.80
CA HIS A 125 3.01 -5.12 14.75
C HIS A 125 4.46 -4.95 14.37
N LYS A 126 4.83 -5.66 13.32
CA LYS A 126 6.10 -5.51 12.66
C LYS A 126 7.30 -6.16 13.31
N ARG A 127 7.10 -6.92 14.38
CA ARG A 127 8.22 -7.61 15.02
C ARG A 127 7.97 -9.07 14.81
N THR A 128 8.95 -9.75 14.25
CA THR A 128 8.84 -11.20 14.02
C THR A 128 9.42 -11.97 15.17
N ILE A 129 8.59 -12.86 15.71
CA ILE A 129 8.88 -13.61 16.93
C ILE A 129 8.72 -15.12 16.68
N LYS A 130 9.66 -15.94 17.13
CA LYS A 130 9.47 -17.39 17.06
CA LYS A 130 9.46 -17.38 17.05
C LYS A 130 8.41 -17.78 18.08
N MET A 131 7.33 -18.45 17.62
CA MET A 131 6.24 -18.77 18.56
C MET A 131 5.83 -20.16 18.39
N ALA A 132 4.97 -20.64 19.32
CA ALA A 132 4.31 -21.90 19.13
C ALA A 132 2.83 -21.59 18.84
N GLU A 133 2.25 -22.34 17.93
CA GLU A 133 0.86 -22.13 17.65
C GLU A 133 0.17 -23.34 18.31
N VAL A 134 -0.76 -23.14 19.21
CA VAL A 134 -1.34 -24.21 20.04
C VAL A 134 -2.72 -24.51 19.53
N ASN A 135 -3.07 -25.81 19.53
CA ASN A 135 -4.39 -26.20 18.98
C ASN A 135 -4.74 -27.52 19.52
N PHE A 136 -5.98 -27.87 19.28
CA PHE A 136 -6.56 -29.20 19.63
C PHE A 136 -6.55 -29.56 21.12
N LEU A 137 -6.58 -28.57 22.02
CA LEU A 137 -6.71 -28.84 23.43
C LEU A 137 -8.10 -29.53 23.60
N CYS A 138 -8.10 -30.66 24.26
CA CYS A 138 -9.34 -31.42 24.40
C CYS A 138 -9.27 -32.30 25.64
N VAL A 139 -10.28 -32.18 26.52
CA VAL A 139 -10.47 -33.12 27.67
C VAL A 139 -11.76 -33.92 27.40
N HIS A 140 -11.70 -35.23 27.62
CA HIS A 140 -12.87 -36.09 27.53
C HIS A 140 -14.13 -35.49 28.24
N LYS A 141 -15.27 -35.65 27.64
CA LYS A 141 -16.47 -35.08 28.23
C LYS A 141 -16.81 -35.56 29.67
N THR A 142 -16.31 -36.74 30.04
CA THR A 142 -16.59 -37.36 31.34
C THR A 142 -15.71 -36.77 32.39
N LEU A 143 -14.72 -35.94 31.99
CA LEU A 143 -13.69 -35.46 32.91
C LEU A 143 -13.57 -33.96 32.97
N ARG A 144 -14.64 -33.29 32.61
CA ARG A 144 -14.65 -31.84 32.48
C ARG A 144 -14.75 -31.18 33.85
N SER A 145 -14.28 -29.95 33.88
CA SER A 145 -14.29 -29.08 35.06
C SER A 145 -13.53 -29.67 36.21
N LYS A 146 -12.50 -30.49 35.94
CA LYS A 146 -11.61 -31.03 37.00
C LYS A 146 -10.24 -30.36 37.03
N ARG A 147 -10.16 -29.24 36.35
CA ARG A 147 -8.90 -28.46 36.25
C ARG A 147 -7.76 -29.21 35.55
N LEU A 148 -8.09 -30.11 34.60
CA LEU A 148 -7.11 -30.81 33.77
C LEU A 148 -6.57 -29.91 32.69
N ALA A 149 -7.36 -28.93 32.26
CA ALA A 149 -6.93 -28.12 31.14
C ALA A 149 -5.69 -27.30 31.54
N PRO A 150 -5.68 -26.68 32.74
CA PRO A 150 -4.45 -25.89 33.12
C PRO A 150 -3.26 -26.82 33.20
N VAL A 151 -3.42 -28.08 33.60
CA VAL A 151 -2.27 -28.96 33.61
C VAL A 151 -1.70 -29.19 32.21
N LEU A 152 -2.60 -29.45 31.24
CA LEU A 152 -2.22 -29.53 29.81
C LEU A 152 -1.54 -28.27 29.34
N ILE A 153 -2.12 -27.13 29.65
CA ILE A 153 -1.52 -25.84 29.22
C ILE A 153 -0.12 -25.64 29.83
N LYS A 154 0.01 -25.88 31.14
CA LYS A 154 1.29 -25.62 31.83
C LYS A 154 2.38 -26.60 31.36
N GLU A 155 1.97 -27.86 31.08
CA GLU A 155 2.95 -28.78 30.56
C GLU A 155 3.41 -28.42 29.11
N ILE A 156 2.51 -28.03 28.21
CA ILE A 156 2.98 -27.71 26.85
C ILE A 156 3.81 -26.44 26.93
N THR A 157 3.46 -25.53 27.85
CA THR A 157 4.20 -24.28 28.00
C THR A 157 5.65 -24.65 28.37
N ARG A 158 5.78 -25.53 29.36
CA ARG A 158 7.09 -26.01 29.80
C ARG A 158 7.86 -26.61 28.68
N ARG A 159 7.23 -27.48 27.87
CA ARG A 159 7.97 -28.15 26.75
C ARG A 159 8.39 -27.16 25.61
N ILE A 160 7.54 -26.20 25.37
CA ILE A 160 7.87 -25.13 24.45
C ILE A 160 9.07 -24.28 24.95
N ASN A 161 9.05 -23.91 26.22
CA ASN A 161 10.08 -23.08 26.88
C ASN A 161 11.43 -23.83 26.81
N LEU A 162 11.43 -25.18 26.91
CA LEU A 162 12.69 -25.95 26.78
C LEU A 162 13.38 -25.68 25.41
N GLU A 163 12.61 -25.23 24.41
CA GLU A 163 13.13 -24.93 23.07
C GLU A 163 13.47 -23.45 22.90
N ASN A 164 13.56 -22.71 24.02
CA ASN A 164 13.82 -21.26 24.03
C ASN A 164 12.82 -20.46 23.25
N ILE A 165 11.55 -20.92 23.34
CA ILE A 165 10.41 -20.20 22.83
C ILE A 165 9.47 -19.74 23.97
N TRP A 166 9.12 -18.46 23.98
CA TRP A 166 8.46 -17.83 25.17
C TRP A 166 7.13 -17.16 24.86
N GLN A 167 6.71 -17.22 23.58
CA GLN A 167 5.43 -16.66 23.09
C GLN A 167 4.64 -17.72 22.39
N ALA A 168 3.33 -17.62 22.45
CA ALA A 168 2.46 -18.52 21.59
C ALA A 168 1.30 -17.73 21.01
N ILE A 169 0.71 -18.30 19.94
CA ILE A 169 -0.56 -17.77 19.41
C ILE A 169 -1.58 -18.91 19.51
N TYR A 170 -2.81 -18.53 19.77
CA TYR A 170 -3.94 -19.51 19.84
C TYR A 170 -5.26 -18.77 19.64
N THR A 171 -6.31 -19.52 19.30
CA THR A 171 -7.61 -18.94 19.03
C THR A 171 -8.62 -19.71 19.82
N ALA A 172 -9.76 -19.12 20.13
CA ALA A 172 -10.83 -19.91 20.80
C ALA A 172 -12.08 -19.11 20.56
N GLY A 173 -13.21 -19.81 20.55
CA GLY A 173 -14.51 -19.19 20.52
C GLY A 173 -14.91 -18.60 21.80
N VAL A 174 -14.28 -19.03 22.88
CA VAL A 174 -14.53 -18.48 24.21
C VAL A 174 -13.70 -17.24 24.50
N TYR A 175 -14.29 -16.41 25.33
CA TYR A 175 -13.59 -15.23 25.76
C TYR A 175 -12.69 -15.55 26.96
N LEU A 176 -11.38 -15.25 26.83
CA LEU A 176 -10.34 -15.47 27.86
C LEU A 176 -9.52 -14.16 27.92
N PRO A 177 -8.77 -13.97 28.96
CA PRO A 177 -7.82 -12.81 29.02
C PRO A 177 -6.70 -13.01 28.05
N LYS A 178 -6.50 -12.12 27.06
CA LYS A 178 -7.53 -11.07 26.63
C LYS A 178 -7.30 -11.04 25.12
N PRO A 179 -8.35 -11.05 24.30
CA PRO A 179 -8.05 -11.09 22.85
C PRO A 179 -7.24 -9.95 22.25
N VAL A 180 -6.41 -10.26 21.26
CA VAL A 180 -5.78 -9.19 20.51
C VAL A 180 -6.67 -8.77 19.33
N SER A 181 -7.60 -9.61 18.94
CA SER A 181 -8.60 -9.30 17.94
C SER A 181 -9.70 -10.30 18.04
N ASP A 182 -10.81 -10.04 17.39
CA ASP A 182 -12.01 -10.89 17.44
C ASP A 182 -12.68 -10.80 16.05
N ALA A 183 -12.89 -11.94 15.43
CA ALA A 183 -13.51 -12.00 14.10
C ALA A 183 -14.72 -12.92 14.09
N ARG A 184 -15.86 -12.39 13.62
CA ARG A 184 -17.01 -13.23 13.43
C ARG A 184 -16.79 -14.12 12.22
N TYR A 185 -17.49 -15.25 12.31
CA TYR A 185 -17.76 -16.25 11.33
CA TYR A 185 -17.55 -16.05 11.08
C TYR A 185 -18.83 -15.75 10.35
N TYR A 186 -18.69 -15.94 9.04
CA TYR A 186 -19.81 -15.78 8.06
C TYR A 186 -19.86 -17.03 7.22
N HIS A 187 -21.06 -17.38 6.77
CA HIS A 187 -21.29 -18.62 6.07
C HIS A 187 -21.94 -18.39 4.74
N ARG A 188 -21.47 -19.10 3.73
CA ARG A 188 -22.11 -19.09 2.39
C ARG A 188 -22.69 -20.42 2.06
N SER A 189 -24.02 -20.51 2.18
CA SER A 189 -24.70 -21.73 1.84
C SER A 189 -24.40 -22.18 0.42
N ILE A 190 -24.16 -23.47 0.26
CA ILE A 190 -23.95 -24.12 -1.05
C ILE A 190 -25.06 -25.14 -1.25
N ASN A 191 -25.14 -26.09 -0.37
CA ASN A 191 -26.23 -27.09 -0.36
C ASN A 191 -27.34 -26.61 0.58
N VAL A 192 -28.19 -25.75 0.04
CA VAL A 192 -29.21 -24.97 0.71
C VAL A 192 -30.21 -26.00 1.34
N LYS A 193 -30.57 -26.99 0.56
CA LYS A 193 -31.61 -27.90 1.07
C LYS A 193 -31.14 -28.67 2.32
N LYS A 194 -29.92 -29.19 2.28
CA LYS A 194 -29.40 -29.87 3.42
C LYS A 194 -29.32 -28.94 4.64
N LEU A 195 -28.81 -27.73 4.45
CA LEU A 195 -28.73 -26.79 5.54
C LEU A 195 -30.09 -26.46 6.18
N ILE A 196 -31.16 -26.43 5.39
N ILE A 196 -31.17 -26.44 5.42
CA ILE A 196 -32.55 -26.23 5.89
CA ILE A 196 -32.51 -26.22 6.01
C ILE A 196 -32.98 -27.48 6.68
C ILE A 196 -32.99 -27.50 6.70
N GLU A 197 -32.78 -28.65 6.08
CA GLU A 197 -33.23 -29.94 6.72
C GLU A 197 -32.62 -30.25 8.09
N ILE A 198 -31.41 -29.76 8.31
CA ILE A 198 -30.78 -29.99 9.61
C ILE A 198 -31.06 -28.92 10.61
N GLY A 199 -31.88 -27.96 10.25
CA GLY A 199 -32.28 -26.96 11.23
C GLY A 199 -31.36 -25.75 11.28
N PHE A 200 -30.32 -25.80 10.50
CA PHE A 200 -29.44 -24.63 10.46
C PHE A 200 -30.00 -23.36 9.81
N SER A 201 -30.45 -23.45 8.55
CA SER A 201 -31.04 -22.27 7.87
C SER A 201 -32.53 -22.30 7.94
N SER A 202 -33.14 -21.12 7.78
N SER A 202 -33.12 -21.13 7.75
CA SER A 202 -34.56 -20.89 8.02
CA SER A 202 -34.54 -20.92 7.93
C SER A 202 -35.26 -20.33 6.74
C SER A 202 -35.20 -20.51 6.62
N LEU A 203 -36.50 -20.80 6.51
CA LEU A 203 -37.39 -20.36 5.42
C LEU A 203 -38.56 -19.53 5.97
N ASN A 204 -39.26 -18.85 5.08
CA ASN A 204 -40.43 -18.07 5.48
C ASN A 204 -41.35 -17.94 4.25
N SER A 205 -42.41 -17.12 4.32
CA SER A 205 -43.33 -17.07 3.18
C SER A 205 -42.77 -16.33 1.96
N ARG A 206 -41.91 -15.36 2.18
CA ARG A 206 -41.19 -14.75 1.05
C ARG A 206 -40.05 -15.65 0.49
N LEU A 207 -39.41 -16.44 1.35
CA LEU A 207 -38.33 -17.32 0.97
C LEU A 207 -38.75 -18.76 1.13
N THR A 208 -39.38 -19.31 0.07
CA THR A 208 -39.86 -20.69 0.07
C THR A 208 -38.65 -21.56 -0.23
N MET A 209 -38.80 -22.85 -0.15
CA MET A 209 -37.67 -23.72 -0.43
C MET A 209 -37.11 -23.48 -1.85
N SER A 210 -37.95 -23.51 -2.91
CA SER A 210 -37.49 -23.27 -4.29
C SER A 210 -36.82 -21.89 -4.42
N ARG A 211 -37.32 -20.89 -3.71
CA ARG A 211 -36.71 -19.59 -3.77
C ARG A 211 -35.32 -19.56 -3.15
N ALA A 212 -35.18 -20.33 -2.06
CA ALA A 212 -33.92 -20.38 -1.31
C ALA A 212 -32.93 -21.10 -2.21
N ILE A 213 -33.35 -22.17 -2.90
CA ILE A 213 -32.40 -22.96 -3.74
C ILE A 213 -31.94 -22.00 -4.89
N LYS A 214 -32.89 -21.22 -5.44
CA LYS A 214 -32.48 -20.31 -6.56
C LYS A 214 -31.56 -19.21 -6.09
N LEU A 215 -31.86 -18.61 -4.92
CA LEU A 215 -31.02 -17.54 -4.34
C LEU A 215 -29.52 -17.93 -4.29
N TYR A 216 -29.26 -19.20 -3.98
CA TYR A 216 -27.88 -19.63 -3.72
C TYR A 216 -27.17 -20.29 -4.85
N ARG A 217 -27.91 -20.43 -5.98
CA ARG A 217 -27.46 -21.05 -7.24
CA ARG A 217 -27.41 -21.12 -7.20
C ARG A 217 -26.20 -20.35 -7.72
N VAL A 218 -25.17 -21.11 -8.15
CA VAL A 218 -23.97 -20.46 -8.75
C VAL A 218 -23.74 -20.98 -10.19
N GLU A 219 -23.20 -20.10 -11.03
CA GLU A 219 -22.85 -20.45 -12.35
C GLU A 219 -21.55 -21.24 -12.28
N ASP A 220 -21.54 -22.41 -12.90
CA ASP A 220 -20.38 -23.24 -12.98
C ASP A 220 -19.34 -22.75 -13.98
N THR A 221 -19.01 -21.48 -13.87
CA THR A 221 -17.94 -20.94 -14.74
C THR A 221 -17.08 -20.00 -13.92
N LEU A 222 -15.76 -20.19 -13.95
CA LEU A 222 -14.80 -19.36 -13.20
C LEU A 222 -14.66 -17.97 -13.83
N ASN A 223 -14.53 -16.95 -13.01
CA ASN A 223 -14.17 -15.60 -13.45
C ASN A 223 -12.73 -15.64 -13.95
N ILE A 224 -11.90 -16.40 -13.25
CA ILE A 224 -10.47 -16.51 -13.59
C ILE A 224 -10.29 -17.85 -14.33
N LYS A 225 -10.42 -17.85 -15.67
CA LYS A 225 -10.56 -19.13 -16.36
C LYS A 225 -9.47 -20.18 -16.10
N ASN A 226 -8.22 -19.77 -15.88
CA ASN A 226 -7.14 -20.72 -15.79
C ASN A 226 -6.82 -21.14 -14.32
N MET A 227 -7.64 -20.73 -13.34
CA MET A 227 -7.50 -21.18 -11.94
CA MET A 227 -7.43 -21.19 -11.96
C MET A 227 -7.36 -22.69 -11.91
N ARG A 228 -6.30 -23.20 -11.34
CA ARG A 228 -6.07 -24.66 -11.37
C ARG A 228 -5.39 -25.10 -10.08
N LEU A 229 -5.48 -26.39 -9.77
CA LEU A 229 -4.87 -26.88 -8.54
C LEU A 229 -3.37 -26.59 -8.56
N MET A 230 -2.91 -26.12 -7.42
CA MET A 230 -1.51 -25.86 -7.21
C MET A 230 -0.74 -27.16 -7.35
N LYS A 231 0.45 -27.00 -7.90
CA LYS A 231 1.39 -28.11 -8.18
C LYS A 231 2.73 -27.77 -7.58
N LYS A 232 3.58 -28.80 -7.43
CA LYS A 232 4.87 -28.54 -6.78
C LYS A 232 5.68 -27.40 -7.44
N LYS A 233 5.54 -27.23 -8.75
CA LYS A 233 6.28 -26.13 -9.42
C LYS A 233 5.91 -24.70 -9.01
N ASP A 234 4.72 -24.56 -8.40
CA ASP A 234 4.12 -23.27 -8.06
C ASP A 234 4.59 -22.72 -6.71
N VAL A 235 5.36 -23.53 -5.97
CA VAL A 235 5.75 -23.18 -4.62
C VAL A 235 6.47 -21.83 -4.55
N GLU A 236 7.51 -21.64 -5.37
CA GLU A 236 8.19 -20.35 -5.31
C GLU A 236 7.24 -19.16 -5.59
N GLY A 237 6.34 -19.31 -6.60
CA GLY A 237 5.45 -18.24 -6.94
C GLY A 237 4.41 -17.98 -5.86
N VAL A 238 3.85 -19.01 -5.25
CA VAL A 238 2.88 -18.76 -4.19
C VAL A 238 3.61 -18.07 -3.02
N HIS A 239 4.86 -18.48 -2.75
CA HIS A 239 5.64 -17.92 -1.62
C HIS A 239 5.83 -16.41 -1.87
N LYS A 240 6.16 -16.04 -3.11
N LYS A 240 6.14 -16.05 -3.11
CA LYS A 240 6.26 -14.61 -3.47
CA LYS A 240 6.27 -14.62 -3.42
C LYS A 240 4.94 -13.88 -3.34
C LYS A 240 4.95 -13.88 -3.36
N LEU A 241 3.90 -14.45 -3.96
CA LEU A 241 2.58 -13.75 -4.00
C LEU A 241 2.02 -13.54 -2.56
N LEU A 242 2.04 -14.62 -1.81
CA LEU A 242 1.43 -14.59 -0.48
C LEU A 242 2.28 -13.82 0.48
N GLY A 243 3.58 -14.06 0.46
CA GLY A 243 4.44 -13.44 1.44
C GLY A 243 4.43 -11.94 1.26
N SER A 244 4.31 -11.44 0.03
N SER A 244 4.28 -11.44 0.01
CA SER A 244 4.28 -9.99 -0.09
CA SER A 244 4.29 -9.98 -0.21
C SER A 244 2.97 -9.42 0.43
C SER A 244 2.93 -9.32 0.15
N TYR A 245 1.87 -10.13 0.10
CA TYR A 245 0.56 -9.66 0.42
C TYR A 245 0.42 -9.55 1.96
N LEU A 246 0.99 -10.53 2.67
CA LEU A 246 0.71 -10.63 4.13
C LEU A 246 1.39 -9.51 4.91
N GLU A 247 2.39 -8.86 4.32
CA GLU A 247 3.13 -7.87 5.07
C GLU A 247 2.32 -6.61 5.46
N GLN A 248 1.21 -6.32 4.80
CA GLN A 248 0.39 -5.19 5.21
C GLN A 248 -0.29 -5.43 6.54
N PHE A 249 -0.37 -6.67 7.05
CA PHE A 249 -1.24 -6.83 8.25
C PHE A 249 -0.55 -6.68 9.56
N ASN A 250 -1.34 -6.55 10.61
CA ASN A 250 -0.73 -6.40 11.95
C ASN A 250 -0.32 -7.74 12.62
N LEU A 251 -0.83 -8.87 12.11
CA LEU A 251 -0.54 -10.16 12.67
C LEU A 251 -0.58 -11.16 11.55
N TYR A 252 0.54 -11.88 11.32
CA TYR A 252 0.60 -12.82 10.24
C TYR A 252 1.77 -13.77 10.47
N ALA A 253 1.70 -14.96 9.82
CA ALA A 253 2.80 -15.84 9.81
C ALA A 253 3.80 -15.51 8.72
N VAL A 254 5.10 -15.72 8.98
CA VAL A 254 6.15 -15.45 8.00
C VAL A 254 6.58 -16.81 7.46
N PHE A 255 6.13 -17.14 6.26
CA PHE A 255 6.28 -18.48 5.72
C PHE A 255 7.61 -18.57 4.98
N THR A 256 8.39 -19.60 5.24
CA THR A 256 9.45 -20.00 4.32
C THR A 256 8.89 -20.82 3.16
N LYS A 257 9.73 -21.03 2.14
CA LYS A 257 9.34 -21.87 0.99
C LYS A 257 8.90 -23.24 1.43
N GLU A 258 9.60 -23.86 2.41
CA GLU A 258 9.22 -25.21 2.92
C GLU A 258 7.87 -25.21 3.59
N GLU A 259 7.60 -24.11 4.29
CA GLU A 259 6.29 -23.87 4.88
C GLU A 259 5.11 -23.68 3.85
N ILE A 260 5.34 -22.93 2.77
CA ILE A 260 4.44 -22.85 1.64
C ILE A 260 4.14 -24.17 1.08
N ALA A 261 5.15 -24.98 0.89
CA ALA A 261 4.89 -26.28 0.28
C ALA A 261 4.00 -27.13 1.18
N HIS A 262 4.30 -27.13 2.50
CA HIS A 262 3.49 -27.95 3.38
C HIS A 262 2.10 -27.41 3.52
N TRP A 263 1.95 -26.11 3.69
CA TRP A 263 0.62 -25.59 4.03
C TRP A 263 -0.32 -25.49 2.86
N PHE A 264 0.19 -25.42 1.61
CA PHE A 264 -0.65 -25.19 0.42
C PHE A 264 -0.75 -26.31 -0.57
N LEU A 265 0.29 -27.18 -0.64
CA LEU A 265 0.21 -28.18 -1.67
C LEU A 265 -1.05 -29.06 -1.44
N PRO A 266 -1.83 -29.31 -2.52
CA PRO A 266 -3.17 -29.83 -2.19
C PRO A 266 -3.16 -31.25 -1.66
N ILE A 267 -4.05 -31.54 -0.72
CA ILE A 267 -4.27 -32.91 -0.25
C ILE A 267 -5.78 -33.11 -0.20
N GLU A 268 -6.27 -34.13 -0.89
CA GLU A 268 -7.71 -34.33 -1.00
C GLU A 268 -8.36 -34.42 0.38
N ASN A 269 -9.53 -33.78 0.56
CA ASN A 269 -10.24 -33.80 1.83
C ASN A 269 -9.47 -33.15 2.99
N VAL A 270 -8.46 -32.31 2.68
CA VAL A 270 -7.74 -31.59 3.70
C VAL A 270 -7.50 -30.14 3.31
N ILE A 271 -6.71 -29.95 2.26
CA ILE A 271 -6.28 -28.58 1.88
C ILE A 271 -6.43 -28.47 0.32
N TYR A 272 -7.09 -27.44 -0.15
CA TYR A 272 -7.31 -27.13 -1.61
C TYR A 272 -6.67 -25.78 -1.89
N THR A 273 -5.71 -25.75 -2.81
CA THR A 273 -5.16 -24.48 -3.28
C THR A 273 -5.16 -24.44 -4.81
N TYR A 274 -5.62 -23.30 -5.33
CA TYR A 274 -5.71 -23.07 -6.74
C TYR A 274 -4.90 -21.84 -7.07
N VAL A 275 -4.32 -21.88 -8.25
CA VAL A 275 -3.47 -20.74 -8.69
C VAL A 275 -3.80 -20.35 -10.11
N ASN A 276 -3.52 -19.08 -10.41
CA ASN A 276 -3.52 -18.60 -11.76
C ASN A 276 -2.16 -18.22 -12.19
N GLU A 277 -1.65 -18.98 -13.16
CA GLU A 277 -0.26 -18.79 -13.63
C GLU A 277 -0.28 -18.09 -14.99
N GLU A 278 0.45 -17.00 -15.09
CA GLU A 278 0.64 -16.22 -16.35
C GLU A 278 2.13 -16.10 -16.58
N ASN A 279 2.59 -16.51 -17.76
CA ASN A 279 4.03 -16.49 -18.10
CA ASN A 279 4.03 -16.48 -18.09
C ASN A 279 4.95 -16.98 -16.98
N GLY A 280 4.58 -18.15 -16.44
CA GLY A 280 5.30 -18.83 -15.41
C GLY A 280 5.33 -18.14 -14.06
N LYS A 281 4.42 -17.18 -13.85
CA LYS A 281 4.33 -16.49 -12.55
C LYS A 281 2.93 -16.62 -11.94
N ILE A 282 2.93 -16.69 -10.62
CA ILE A 282 1.64 -16.95 -9.97
C ILE A 282 1.02 -15.56 -9.70
N LYS A 283 -0.12 -15.23 -10.33
CA LYS A 283 -0.72 -13.89 -10.14
C LYS A 283 -1.92 -13.89 -9.19
N ASP A 284 -2.54 -15.03 -8.94
CA ASP A 284 -3.69 -15.02 -8.05
C ASP A 284 -3.71 -16.44 -7.40
N MET A 285 -4.28 -16.51 -6.16
CA MET A 285 -4.41 -17.83 -5.50
C MET A 285 -5.69 -17.85 -4.69
N ILE A 286 -6.28 -19.03 -4.60
CA ILE A 286 -7.39 -19.31 -3.69
C ILE A 286 -7.03 -20.50 -2.84
N SER A 287 -7.38 -20.47 -1.54
CA SER A 287 -7.19 -21.72 -0.76
C SER A 287 -8.22 -21.85 0.30
N PHE A 288 -8.60 -23.09 0.53
CA PHE A 288 -9.55 -23.38 1.67
C PHE A 288 -9.29 -24.76 2.22
N TYR A 289 -9.54 -24.98 3.53
CA TYR A 289 -9.32 -26.29 4.06
C TYR A 289 -10.65 -26.99 4.34
N SER A 290 -10.65 -28.30 4.36
CA SER A 290 -11.86 -29.08 4.69
C SER A 290 -12.00 -29.35 6.16
N LEU A 291 -13.14 -28.99 6.77
CA LEU A 291 -13.31 -29.30 8.20
C LEU A 291 -14.78 -29.70 8.33
N PRO A 292 -15.07 -31.00 8.28
CA PRO A 292 -16.52 -31.36 8.47
C PRO A 292 -16.97 -31.19 9.92
N SER A 293 -18.30 -31.22 10.16
CA SER A 293 -18.76 -31.31 11.52
C SER A 293 -19.70 -32.48 11.55
N GLN A 294 -19.72 -33.13 12.69
CA GLN A 294 -20.72 -34.14 12.92
C GLN A 294 -22.00 -33.34 13.24
N ILE A 295 -23.10 -33.76 12.62
CA ILE A 295 -24.45 -33.22 12.91
C ILE A 295 -25.03 -34.08 14.03
N LEU A 296 -25.25 -33.47 15.18
CA LEU A 296 -25.67 -34.28 16.37
C LEU A 296 -27.17 -34.65 16.35
N GLY A 297 -27.50 -35.92 16.55
CA GLY A 297 -28.92 -36.39 16.42
C GLY A 297 -29.79 -35.76 15.32
N ASN A 298 -29.36 -35.93 14.06
CA ASN A 298 -30.25 -35.68 12.89
C ASN A 298 -30.49 -37.06 12.28
N ASP A 299 -31.76 -37.42 12.06
CA ASP A 299 -32.08 -38.74 11.50
C ASP A 299 -31.36 -38.96 10.15
N LYS A 300 -31.45 -37.97 9.25
CA LYS A 300 -31.01 -38.15 7.84
C LYS A 300 -29.53 -37.96 7.56
N TYR A 301 -28.98 -36.92 8.13
CA TYR A 301 -27.59 -36.59 7.82
C TYR A 301 -26.70 -36.74 9.04
N SER A 302 -25.54 -37.38 8.84
CA SER A 302 -24.51 -37.38 9.91
C SER A 302 -23.38 -36.36 9.84
N THR A 303 -23.03 -35.89 8.65
CA THR A 303 -21.85 -35.01 8.42
C THR A 303 -22.23 -33.79 7.64
N LEU A 304 -21.72 -32.63 8.04
CA LEU A 304 -21.88 -31.44 7.16
C LEU A 304 -20.46 -31.15 6.66
N ASN A 305 -20.28 -31.13 5.33
N ASN A 305 -20.30 -31.03 5.35
CA ASN A 305 -18.96 -30.87 4.77
CA ASN A 305 -18.97 -30.88 4.76
C ASN A 305 -18.80 -29.38 4.61
C ASN A 305 -18.73 -29.41 4.51
N ALA A 306 -17.67 -28.82 5.07
CA ALA A 306 -17.58 -27.39 5.12
C ALA A 306 -16.18 -27.04 4.65
N ALA A 307 -16.07 -26.06 3.77
CA ALA A 307 -14.79 -25.48 3.42
C ALA A 307 -14.66 -24.19 4.19
N TYR A 308 -13.41 -23.95 4.61
CA TYR A 308 -13.03 -22.80 5.39
C TYR A 308 -11.96 -22.06 4.62
N SER A 309 -12.27 -20.81 4.36
CA SER A 309 -11.40 -19.88 3.64
C SER A 309 -10.09 -19.80 4.40
N PHE A 310 -8.98 -19.84 3.61
CA PHE A 310 -7.66 -19.88 4.15
C PHE A 310 -6.89 -18.62 3.76
N TYR A 311 -6.07 -18.66 2.70
CA TYR A 311 -5.47 -17.45 2.18
C TYR A 311 -5.86 -17.27 0.72
N ASN A 312 -6.24 -16.05 0.38
CA ASN A 312 -6.69 -15.73 -1.00
C ASN A 312 -6.13 -14.41 -1.44
N VAL A 313 -5.43 -14.39 -2.60
CA VAL A 313 -4.84 -13.13 -3.11
C VAL A 313 -5.15 -12.98 -4.60
N THR A 314 -5.54 -11.79 -4.98
CA THR A 314 -5.80 -11.48 -6.39
C THR A 314 -4.98 -10.27 -6.85
N THR A 315 -4.39 -10.43 -8.02
CA THR A 315 -3.85 -9.26 -8.75
C THR A 315 -4.39 -9.02 -10.11
N THR A 316 -5.21 -9.91 -10.66
CA THR A 316 -5.71 -9.69 -12.02
C THR A 316 -7.24 -9.55 -12.03
N ALA A 317 -7.88 -9.69 -10.86
CA ALA A 317 -9.32 -9.65 -10.73
C ALA A 317 -9.75 -8.81 -9.52
N THR A 318 -11.06 -8.67 -9.31
CA THR A 318 -11.46 -8.05 -8.09
C THR A 318 -11.49 -9.12 -6.96
N PHE A 319 -11.47 -8.66 -5.71
CA PHE A 319 -11.43 -9.61 -4.57
C PHE A 319 -12.77 -10.35 -4.56
N LYS A 320 -13.81 -9.63 -4.89
CA LYS A 320 -15.10 -10.27 -5.11
CA LYS A 320 -15.12 -10.27 -5.09
C LYS A 320 -15.14 -11.34 -6.22
N GLN A 321 -14.52 -11.14 -7.32
CA GLN A 321 -14.46 -12.22 -8.33
C GLN A 321 -13.67 -13.43 -7.86
N LEU A 322 -12.58 -13.16 -7.13
CA LEU A 322 -11.75 -14.23 -6.63
C LEU A 322 -12.53 -15.07 -5.61
N MET A 323 -13.22 -14.40 -4.71
CA MET A 323 -13.99 -15.17 -3.74
C MET A 323 -15.19 -15.88 -4.34
N GLN A 324 -15.78 -15.29 -5.37
CA GLN A 324 -16.82 -16.00 -6.07
C GLN A 324 -16.26 -17.26 -6.71
N ASP A 325 -15.10 -17.18 -7.32
CA ASP A 325 -14.49 -18.43 -7.78
C ASP A 325 -14.15 -19.38 -6.60
N ALA A 326 -13.70 -18.87 -5.41
CA ALA A 326 -13.46 -19.83 -4.28
C ALA A 326 -14.77 -20.58 -3.91
N ILE A 327 -15.90 -19.87 -3.91
CA ILE A 327 -17.16 -20.57 -3.64
C ILE A 327 -17.46 -21.63 -4.70
N LEU A 328 -17.27 -21.23 -5.96
CA LEU A 328 -17.44 -22.20 -7.00
C LEU A 328 -16.55 -23.45 -6.87
N LEU A 329 -15.27 -23.22 -6.59
CA LEU A 329 -14.34 -24.38 -6.45
C LEU A 329 -14.74 -25.25 -5.26
N ALA A 330 -15.30 -24.63 -4.21
CA ALA A 330 -15.79 -25.39 -3.05
C ALA A 330 -17.01 -26.20 -3.42
N LYS A 331 -17.87 -25.60 -4.20
CA LYS A 331 -19.05 -26.38 -4.71
C LYS A 331 -18.62 -27.52 -5.59
N ARG A 332 -17.62 -27.29 -6.49
CA ARG A 332 -17.13 -28.37 -7.36
C ARG A 332 -16.55 -29.58 -6.62
N ASN A 333 -16.08 -29.30 -5.39
CA ASN A 333 -15.53 -30.29 -4.53
C ASN A 333 -16.51 -30.86 -3.49
N ASN A 334 -17.79 -30.58 -3.67
N ASN A 334 -17.78 -30.51 -3.68
CA ASN A 334 -18.85 -31.24 -2.89
CA ASN A 334 -18.92 -31.12 -3.00
C ASN A 334 -19.05 -30.70 -1.48
C ASN A 334 -19.01 -30.71 -1.52
N PHE A 335 -18.65 -29.47 -1.26
CA PHE A 335 -18.84 -28.86 0.07
C PHE A 335 -20.24 -28.28 0.18
N ASP A 336 -20.80 -28.38 1.36
CA ASP A 336 -22.17 -27.96 1.68
C ASP A 336 -22.26 -26.49 2.00
N VAL A 337 -21.14 -25.94 2.45
CA VAL A 337 -21.08 -24.53 2.93
C VAL A 337 -19.61 -24.06 2.78
N PHE A 338 -19.48 -22.75 2.61
CA PHE A 338 -18.18 -22.08 2.55
C PHE A 338 -18.12 -21.03 3.63
N ASN A 339 -17.16 -21.17 4.58
CA ASN A 339 -17.08 -20.37 5.80
C ASN A 339 -15.87 -19.46 5.72
N ALA A 340 -15.98 -18.25 6.25
CA ALA A 340 -14.83 -17.37 6.27
C ALA A 340 -14.97 -16.49 7.48
N LEU A 341 -13.87 -15.92 7.90
CA LEU A 341 -13.82 -14.97 8.99
C LEU A 341 -13.68 -13.57 8.47
N GLU A 342 -14.13 -12.56 9.22
CA GLU A 342 -13.97 -11.21 8.74
C GLU A 342 -12.54 -10.66 8.97
N VAL A 343 -11.55 -11.44 8.53
CA VAL A 343 -10.13 -11.05 8.57
C VAL A 343 -9.68 -10.63 7.23
N MET A 344 -8.50 -10.00 7.17
CA MET A 344 -7.94 -9.53 5.87
C MET A 344 -8.96 -8.64 5.14
N GLN A 345 -9.17 -8.92 3.84
CA GLN A 345 -10.20 -8.20 3.03
C GLN A 345 -11.54 -8.88 2.97
N ASN A 346 -11.79 -9.87 3.80
CA ASN A 346 -12.95 -10.70 3.56
C ASN A 346 -14.30 -10.01 3.74
N LYS A 347 -14.39 -9.17 4.76
CA LYS A 347 -15.73 -8.61 5.14
C LYS A 347 -16.40 -7.88 3.93
N SER A 348 -15.59 -7.21 3.12
CA SER A 348 -16.05 -6.48 1.96
CA SER A 348 -16.16 -6.46 2.04
C SER A 348 -16.88 -7.31 0.97
N VAL A 349 -16.64 -8.62 0.91
CA VAL A 349 -17.34 -9.43 -0.16
C VAL A 349 -18.59 -10.09 0.44
N PHE A 350 -18.75 -10.03 1.75
CA PHE A 350 -19.81 -10.96 2.31
C PHE A 350 -21.22 -10.61 1.92
N GLU A 351 -21.59 -9.32 1.92
CA GLU A 351 -23.00 -9.00 1.52
C GLU A 351 -23.31 -9.38 0.07
N ASP A 352 -22.43 -8.98 -0.85
CA ASP A 352 -22.65 -9.23 -2.31
C ASP A 352 -22.61 -10.70 -2.68
N LEU A 353 -21.77 -11.48 -1.98
CA LEU A 353 -21.68 -12.90 -2.27
C LEU A 353 -22.65 -13.76 -1.45
N LYS A 354 -23.59 -13.12 -0.75
CA LYS A 354 -24.68 -13.90 -0.11
C LYS A 354 -24.24 -14.69 1.12
N PHE A 355 -23.20 -14.20 1.82
CA PHE A 355 -22.89 -14.75 3.13
C PHE A 355 -23.85 -14.29 4.17
N GLY A 356 -24.19 -15.16 5.11
CA GLY A 356 -24.93 -14.76 6.36
C GLY A 356 -23.97 -14.69 7.56
N GLU A 357 -24.22 -13.74 8.44
CA GLU A 357 -23.48 -13.59 9.72
C GLU A 357 -23.79 -14.76 10.64
N GLY A 358 -22.74 -15.39 11.18
CA GLY A 358 -22.91 -16.55 12.04
C GLY A 358 -23.28 -16.10 13.45
N ASP A 359 -23.29 -17.06 14.37
CA ASP A 359 -23.72 -16.82 15.70
C ASP A 359 -22.55 -16.42 16.59
N GLY A 360 -21.35 -16.84 16.25
CA GLY A 360 -20.27 -16.54 17.17
C GLY A 360 -19.05 -15.97 16.52
N SER A 361 -17.99 -15.95 17.31
CA SER A 361 -16.78 -15.41 16.77
C SER A 361 -15.59 -16.16 17.26
N LEU A 362 -14.45 -15.87 16.64
CA LEU A 362 -13.20 -16.47 17.01
C LEU A 362 -12.30 -15.39 17.50
N LYS A 363 -11.83 -15.58 18.72
CA LYS A 363 -10.87 -14.65 19.38
C LYS A 363 -9.46 -15.06 19.13
N TYR A 364 -8.59 -14.10 18.81
CA TYR A 364 -7.19 -14.39 18.60
C TYR A 364 -6.43 -13.96 19.86
N TYR A 365 -5.49 -14.82 20.34
CA TYR A 365 -4.71 -14.58 21.55
C TYR A 365 -3.25 -14.69 21.37
N LEU A 366 -2.49 -13.90 22.13
CA LEU A 366 -1.04 -14.13 22.26
C LEU A 366 -0.79 -14.49 23.70
N TYR A 367 0.19 -15.37 23.92
CA TYR A 367 0.72 -15.69 25.23
C TYR A 367 2.06 -14.98 25.45
N ASN A 368 2.17 -14.34 26.59
CA ASN A 368 3.36 -13.57 26.93
C ASN A 368 3.70 -12.51 25.89
N TRP A 369 2.70 -11.74 25.49
CA TRP A 369 2.95 -10.63 24.60
C TRP A 369 1.96 -9.49 24.91
N LYS A 370 2.49 -8.26 24.92
CA LYS A 370 1.72 -7.10 25.31
C LYS A 370 1.70 -6.19 24.06
N CYS A 371 0.52 -5.80 23.55
CA CYS A 371 0.40 -4.96 22.37
C CYS A 371 -1.03 -4.40 22.37
N ALA A 372 -1.25 -3.36 21.57
CA ALA A 372 -2.60 -2.87 21.35
C ALA A 372 -3.43 -3.92 20.61
N SER A 373 -4.72 -4.04 20.96
CA SER A 373 -5.64 -4.86 20.18
C SER A 373 -6.03 -4.10 18.88
N PHE A 374 -6.65 -4.82 17.96
CA PHE A 374 -6.92 -4.27 16.62
C PHE A 374 -8.12 -4.94 16.04
N ALA A 375 -8.76 -4.23 15.12
CA ALA A 375 -9.88 -4.75 14.34
C ALA A 375 -9.44 -5.92 13.47
N PRO A 376 -10.36 -6.87 13.18
CA PRO A 376 -9.96 -8.12 12.51
C PRO A 376 -9.50 -7.90 11.04
N ALA A 377 -9.85 -6.75 10.46
CA ALA A 377 -9.39 -6.38 9.11
C ALA A 377 -7.88 -6.38 9.11
N HIS A 378 -7.26 -6.19 10.27
CA HIS A 378 -5.81 -6.08 10.34
C HIS A 378 -5.18 -7.42 10.69
N VAL A 379 -5.98 -8.47 10.92
CA VAL A 379 -5.46 -9.82 11.12
C VAL A 379 -5.22 -10.45 9.75
N GLY A 380 -4.01 -11.02 9.63
CA GLY A 380 -3.52 -11.65 8.45
C GLY A 380 -3.10 -13.09 8.64
N ILE A 381 -3.80 -13.83 9.53
CA ILE A 381 -3.44 -15.21 9.71
C ILE A 381 -4.73 -15.96 10.02
N VAL A 382 -4.83 -17.19 9.54
CA VAL A 382 -5.97 -18.09 9.78
C VAL A 382 -5.44 -19.42 10.27
N LEU A 383 -5.76 -19.66 11.57
CA LEU A 383 -5.41 -20.89 12.29
CA LEU A 383 -5.38 -20.92 12.23
C LEU A 383 -6.40 -21.99 11.90
N LEU A 384 -6.10 -23.23 12.24
CA LEU A 384 -6.97 -24.33 11.85
C LEU A 384 -8.00 -24.67 12.89
N ASP B 1 -33.62 4.32 -12.51
N ASP B 1 -32.85 4.53 -13.32
CA ASP B 1 -32.95 5.11 -13.58
CA ASP B 1 -32.28 4.68 -14.71
C ASP B 1 -32.20 6.34 -13.07
C ASP B 1 -31.09 5.64 -14.71
N TYR B 2 -31.05 6.52 -13.71
CA TYR B 2 -30.11 7.68 -13.55
C TYR B 2 -29.88 8.39 -14.89
N LYS B 3 -30.92 9.02 -15.44
CA LYS B 3 -30.86 9.54 -16.81
CA LYS B 3 -30.81 9.50 -16.81
C LYS B 3 -29.84 10.67 -16.85
N PHE B 4 -29.72 11.37 -15.73
CA PHE B 4 -28.71 12.44 -15.79
C PHE B 4 -27.35 11.87 -15.46
N TRP B 5 -27.28 11.14 -14.35
CA TRP B 5 -25.96 10.61 -13.93
C TRP B 5 -25.30 9.78 -15.02
N TYR B 6 -26.11 9.00 -15.78
CA TYR B 6 -25.41 8.21 -16.77
C TYR B 6 -24.80 8.94 -18.00
N THR B 7 -25.06 10.25 -18.15
CA THR B 7 -24.39 11.08 -19.16
C THR B 7 -23.07 11.61 -18.68
N GLN B 8 -22.80 11.42 -17.36
CA GLN B 8 -21.59 11.95 -16.66
C GLN B 8 -20.43 10.92 -16.55
N PRO B 9 -19.17 11.39 -16.47
CA PRO B 9 -18.01 10.50 -16.36
C PRO B 9 -17.92 9.94 -14.92
N VAL B 10 -18.80 8.97 -14.60
CA VAL B 10 -18.87 8.38 -13.26
C VAL B 10 -19.22 6.89 -13.57
N PRO B 11 -18.95 6.00 -12.62
CA PRO B 11 -19.18 4.56 -12.85
C PRO B 11 -20.68 4.29 -13.02
N LYS B 12 -21.03 3.28 -13.82
CA LYS B 12 -22.38 2.76 -13.86
C LYS B 12 -22.59 1.95 -12.61
N ILE B 13 -23.86 1.83 -12.20
CA ILE B 13 -24.26 1.03 -11.05
C ILE B 13 -23.57 -0.35 -11.00
N ASN B 14 -23.27 -0.94 -12.15
CA ASN B 14 -22.63 -2.27 -12.17
C ASN B 14 -21.12 -2.32 -12.21
N ASP B 15 -20.47 -1.15 -12.30
CA ASP B 15 -19.05 -1.12 -12.55
C ASP B 15 -18.19 -1.46 -11.32
N GLU B 16 -17.29 -2.43 -11.45
CA GLU B 16 -16.26 -2.64 -10.41
C GLU B 16 -14.90 -2.77 -11.05
N PHE B 17 -13.95 -2.09 -10.43
CA PHE B 17 -12.61 -2.04 -10.96
C PHE B 17 -11.59 -2.71 -10.09
N ASN B 18 -10.55 -3.24 -10.71
CA ASN B 18 -9.45 -3.87 -10.00
C ASN B 18 -8.71 -2.84 -9.16
N GLU B 19 -8.01 -3.29 -8.15
CA GLU B 19 -7.31 -2.36 -7.30
C GLU B 19 -6.29 -1.55 -8.06
N SER B 20 -5.65 -2.13 -9.09
CA SER B 20 -4.66 -1.43 -9.91
C SER B 20 -5.24 -0.32 -10.80
N VAL B 21 -6.57 -0.24 -10.93
CA VAL B 21 -7.12 0.84 -11.81
C VAL B 21 -7.30 2.10 -10.95
N ASN B 22 -6.73 3.22 -11.43
CA ASN B 22 -6.76 4.45 -10.64
C ASN B 22 -6.44 5.60 -11.57
N GLU B 23 -7.48 6.06 -12.23
CA GLU B 23 -7.28 7.03 -13.33
C GLU B 23 -8.59 7.72 -13.70
N PRO B 24 -8.52 8.81 -14.46
CA PRO B 24 -9.77 9.42 -14.92
C PRO B 24 -10.63 8.56 -15.86
N PHE B 25 -11.93 8.78 -15.87
CA PHE B 25 -12.76 8.32 -17.05
C PHE B 25 -12.35 8.98 -18.35
N ILE B 26 -12.18 10.29 -18.29
CA ILE B 26 -11.87 11.11 -19.46
C ILE B 26 -10.62 11.86 -19.15
N SER B 27 -9.58 11.59 -19.93
CA SER B 27 -8.30 12.31 -19.83
CA SER B 27 -8.31 12.33 -19.81
C SER B 27 -8.11 13.29 -20.96
N ASP B 28 -6.99 14.00 -20.95
CA ASP B 28 -6.67 14.94 -21.99
C ASP B 28 -7.75 16.02 -22.23
N ASN B 29 -8.33 16.50 -21.13
CA ASN B 29 -9.27 17.59 -21.17
C ASN B 29 -8.58 18.93 -21.49
N LYS B 30 -9.30 19.86 -22.12
CA LYS B 30 -8.73 21.15 -22.53
C LYS B 30 -9.60 22.28 -22.07
N VAL B 31 -8.98 23.18 -21.29
CA VAL B 31 -9.66 24.43 -20.91
C VAL B 31 -10.23 25.17 -22.10
N GLU B 32 -9.50 25.19 -23.21
CA GLU B 32 -9.92 25.97 -24.43
C GLU B 32 -11.24 25.47 -24.98
N ASP B 33 -11.55 24.20 -24.73
CA ASP B 33 -12.77 23.58 -25.26
C ASP B 33 -13.97 23.69 -24.34
N VAL B 34 -13.76 24.12 -23.11
CA VAL B 34 -14.88 24.20 -22.13
C VAL B 34 -15.92 25.21 -22.61
N ARG B 35 -17.18 24.90 -22.37
CA ARG B 35 -18.27 25.80 -22.73
C ARG B 35 -18.07 27.13 -22.02
N LYS B 36 -18.03 28.24 -22.80
CA LYS B 36 -17.85 29.54 -22.18
C LYS B 36 -19.15 30.21 -21.87
N ASP B 37 -20.29 29.59 -22.22
CA ASP B 37 -21.60 30.10 -21.85
C ASP B 37 -22.18 29.47 -20.61
N GLU B 38 -22.88 30.25 -19.79
CA GLU B 38 -23.59 29.68 -18.61
C GLU B 38 -24.68 28.76 -19.13
N TYR B 39 -24.92 27.67 -18.39
CA TYR B 39 -26.10 26.84 -18.64
C TYR B 39 -27.42 27.61 -18.55
N LYS B 40 -28.36 27.27 -19.45
CA LYS B 40 -29.67 27.91 -19.46
C LYS B 40 -30.52 27.41 -18.31
N LEU B 41 -31.27 28.34 -17.71
CA LEU B 41 -32.17 28.09 -16.59
C LEU B 41 -33.58 28.24 -17.17
N PRO B 42 -34.58 27.66 -16.53
CA PRO B 42 -35.95 27.96 -17.00
C PRO B 42 -36.35 29.44 -16.92
N PRO B 43 -37.45 29.85 -17.60
CA PRO B 43 -37.81 31.26 -17.61
C PRO B 43 -38.06 31.83 -16.20
N GLY B 44 -37.61 33.05 -15.97
CA GLY B 44 -37.87 33.68 -14.69
C GLY B 44 -36.81 33.41 -13.63
N TYR B 45 -35.76 32.66 -13.97
CA TYR B 45 -34.65 32.28 -13.05
C TYR B 45 -33.33 32.80 -13.58
N SER B 46 -32.43 33.21 -12.69
CA SER B 46 -31.13 33.74 -13.11
C SER B 46 -30.05 33.22 -12.16
N TRP B 47 -28.86 33.09 -12.71
CA TRP B 47 -27.71 32.79 -11.90
C TRP B 47 -27.40 34.01 -11.07
N TYR B 48 -26.85 33.74 -9.87
CA TYR B 48 -26.46 34.79 -8.94
C TYR B 48 -25.02 34.56 -8.47
N VAL B 49 -24.22 35.62 -8.47
CA VAL B 49 -22.85 35.54 -7.93
C VAL B 49 -22.97 35.76 -6.42
N CYS B 50 -22.93 34.70 -5.62
CA CYS B 50 -23.06 34.81 -4.15
C CYS B 50 -21.66 35.21 -3.67
N ASP B 51 -21.59 36.36 -2.99
CA ASP B 51 -20.34 36.77 -2.35
C ASP B 51 -20.39 36.34 -0.88
N VAL B 52 -19.73 35.25 -0.54
CA VAL B 52 -19.92 34.66 0.80
C VAL B 52 -19.41 35.58 1.93
N LYS B 53 -18.52 36.48 1.56
CA LYS B 53 -18.01 37.46 2.51
C LYS B 53 -18.91 38.64 2.76
N ASP B 54 -19.90 38.83 1.92
CA ASP B 54 -20.90 39.84 2.09
C ASP B 54 -22.03 39.34 2.98
N GLU B 55 -22.29 40.05 4.07
CA GLU B 55 -23.24 39.56 5.04
C GLU B 55 -24.64 39.33 4.45
N LYS B 56 -25.09 40.27 3.62
CA LYS B 56 -26.35 40.12 2.91
C LYS B 56 -26.50 38.82 2.08
N ASP B 57 -25.50 38.59 1.23
CA ASP B 57 -25.46 37.40 0.41
C ASP B 57 -25.37 36.17 1.30
N ARG B 58 -24.55 36.24 2.37
CA ARG B 58 -24.40 35.05 3.20
C ARG B 58 -25.68 34.75 3.93
N SER B 59 -26.39 35.82 4.37
CA SER B 59 -27.64 35.62 5.07
C SER B 59 -28.76 34.98 4.18
N GLU B 60 -28.73 35.27 2.89
CA GLU B 60 -29.64 34.61 1.94
C GLU B 60 -29.32 33.12 1.77
N ILE B 61 -28.02 32.83 1.70
CA ILE B 61 -27.64 31.41 1.65
C ILE B 61 -28.08 30.71 2.91
N TYR B 62 -27.78 31.31 4.08
CA TYR B 62 -28.21 30.78 5.38
C TYR B 62 -29.72 30.53 5.36
N THR B 63 -30.49 31.51 4.86
CA THR B 63 -31.97 31.33 4.87
C THR B 63 -32.45 30.12 4.02
N LEU B 64 -31.94 30.07 2.79
CA LEU B 64 -32.23 28.96 1.94
C LEU B 64 -31.87 27.60 2.57
N LEU B 65 -30.66 27.47 3.10
CA LEU B 65 -30.29 26.16 3.76
C LEU B 65 -31.07 25.83 5.02
N THR B 66 -31.33 26.87 5.82
CA THR B 66 -32.09 26.71 7.04
C THR B 66 -33.44 26.12 6.75
N ASP B 67 -34.13 26.59 5.68
CA ASP B 67 -35.50 26.11 5.36
C ASP B 67 -35.60 24.92 4.45
N ASN B 68 -34.51 24.63 3.68
CA ASN B 68 -34.62 23.69 2.56
C ASN B 68 -33.55 22.66 2.46
N TYR B 69 -32.61 22.63 3.41
CA TYR B 69 -31.54 21.63 3.29
C TYR B 69 -31.92 20.24 3.82
N VAL B 70 -30.91 19.40 4.03
CA VAL B 70 -31.13 17.97 4.22
C VAL B 70 -31.94 17.68 5.51
N GLU B 71 -32.93 16.80 5.39
CA GLU B 71 -33.66 16.27 6.55
C GLU B 71 -33.36 14.77 6.66
N ASP B 72 -33.38 14.23 7.88
CA ASP B 72 -33.24 12.78 8.07
C ASP B 72 -34.47 12.09 7.50
N ASP B 73 -34.40 10.78 7.31
CA ASP B 73 -35.52 10.02 6.72
C ASP B 73 -36.78 10.07 7.55
N ASP B 74 -36.67 10.18 8.87
CA ASP B 74 -37.89 10.29 9.70
C ASP B 74 -38.49 11.70 9.77
N ASN B 75 -37.77 12.70 9.23
CA ASN B 75 -38.17 14.12 9.33
C ASN B 75 -38.25 14.68 10.77
N ILE B 76 -37.34 14.23 11.66
CA ILE B 76 -37.23 14.78 13.02
C ILE B 76 -36.43 16.07 12.96
N PHE B 77 -35.42 16.06 12.10
CA PHE B 77 -34.39 17.14 12.03
C PHE B 77 -34.16 17.73 10.62
N ARG B 78 -33.65 18.94 10.55
CA ARG B 78 -33.07 19.44 9.33
C ARG B 78 -31.74 20.07 9.69
N PHE B 79 -30.67 19.77 8.94
CA PHE B 79 -29.44 20.50 9.29
C PHE B 79 -29.56 22.03 9.29
N ASN B 80 -28.84 22.71 10.19
CA ASN B 80 -28.91 24.13 10.30
C ASN B 80 -27.52 24.68 10.41
N TYR B 81 -26.76 24.55 9.33
CA TYR B 81 -25.43 25.16 9.33
C TYR B 81 -25.52 26.63 9.64
N SER B 82 -24.63 27.12 10.50
CA SER B 82 -24.67 28.54 10.78
C SER B 82 -24.04 29.41 9.65
N ALA B 83 -24.39 30.67 9.67
CA ALA B 83 -23.80 31.58 8.71
C ALA B 83 -22.30 31.66 8.89
N GLU B 84 -21.82 31.65 10.13
CA GLU B 84 -20.39 31.67 10.36
C GLU B 84 -19.71 30.38 9.89
N PHE B 85 -20.39 29.26 10.06
CA PHE B 85 -19.85 28.04 9.56
C PHE B 85 -19.73 28.12 8.04
N LEU B 86 -20.78 28.60 7.41
CA LEU B 86 -20.78 28.77 5.95
C LEU B 86 -19.62 29.61 5.52
N LEU B 87 -19.40 30.72 6.17
CA LEU B 87 -18.20 31.52 5.88
C LEU B 87 -16.96 30.69 5.92
N TRP B 88 -16.81 29.90 6.99
CA TRP B 88 -15.57 29.17 7.17
C TRP B 88 -15.37 28.08 6.13
N ALA B 89 -16.45 27.37 5.84
CA ALA B 89 -16.48 26.24 4.95
C ALA B 89 -16.19 26.63 3.50
N LEU B 90 -16.45 27.88 3.16
CA LEU B 90 -16.51 28.31 1.75
C LEU B 90 -15.31 29.19 1.39
N THR B 91 -14.54 29.64 2.39
CA THR B 91 -13.48 30.62 2.10
C THR B 91 -12.11 30.11 2.50
N SER B 92 -11.92 28.79 2.30
CA SER B 92 -10.63 28.20 2.50
C SER B 92 -9.51 28.67 1.55
N PRO B 93 -8.27 28.25 1.78
CA PRO B 93 -7.28 28.99 0.99
C PRO B 93 -7.43 28.75 -0.53
N ASN B 94 -7.19 29.85 -1.23
CA ASN B 94 -7.26 29.88 -2.69
C ASN B 94 -8.65 29.57 -3.23
N TYR B 95 -9.70 29.81 -2.45
CA TYR B 95 -11.05 29.55 -2.90
C TYR B 95 -11.39 30.42 -4.13
N LEU B 96 -12.31 29.94 -4.94
CA LEU B 96 -12.77 30.73 -6.11
C LEU B 96 -14.11 31.35 -5.86
N LYS B 97 -14.25 32.64 -6.05
CA LYS B 97 -15.57 33.20 -5.90
CA LYS B 97 -15.55 33.27 -5.95
C LYS B 97 -16.56 32.72 -6.97
N THR B 98 -16.04 32.31 -8.14
CA THR B 98 -16.91 31.81 -9.22
C THR B 98 -17.54 30.47 -8.83
N TRP B 99 -17.05 29.87 -7.73
CA TRP B 99 -17.56 28.53 -7.37
C TRP B 99 -18.61 28.53 -6.30
N HIS B 100 -19.10 29.73 -5.95
CA HIS B 100 -20.25 29.83 -5.04
C HIS B 100 -21.47 30.39 -5.79
N ILE B 101 -22.38 29.49 -6.13
CA ILE B 101 -23.32 29.72 -7.27
C ILE B 101 -24.73 29.71 -6.75
N GLY B 102 -25.40 30.85 -6.86
CA GLY B 102 -26.82 30.83 -6.50
C GLY B 102 -27.75 30.95 -7.69
N VAL B 103 -29.05 30.58 -7.47
CA VAL B 103 -30.12 30.85 -8.49
C VAL B 103 -31.24 31.62 -7.84
N LYS B 104 -31.61 32.74 -8.45
CA LYS B 104 -32.71 33.56 -7.93
C LYS B 104 -33.93 33.41 -8.81
N TYR B 105 -35.12 33.48 -8.21
CA TYR B 105 -36.37 33.73 -8.98
C TYR B 105 -36.44 35.24 -9.14
N ASP B 106 -36.43 35.72 -10.39
CA ASP B 106 -36.25 37.12 -10.70
C ASP B 106 -37.38 37.99 -10.16
N ALA B 107 -38.60 37.48 -10.23
CA ALA B 107 -39.77 38.30 -9.90
C ALA B 107 -39.71 38.72 -8.45
N SER B 108 -39.28 37.79 -7.59
CA SER B 108 -39.35 38.02 -6.15
C SER B 108 -37.99 38.29 -5.57
N ASN B 109 -36.94 38.20 -6.37
CA ASN B 109 -35.56 38.41 -5.89
C ASN B 109 -35.06 37.50 -4.74
N LYS B 110 -35.58 36.29 -4.68
CA LYS B 110 -35.37 35.32 -3.60
C LYS B 110 -34.37 34.28 -4.10
N LEU B 111 -33.42 33.93 -3.24
CA LEU B 111 -32.52 32.79 -3.52
C LEU B 111 -33.29 31.44 -3.48
N ILE B 112 -33.30 30.67 -4.58
CA ILE B 112 -34.06 29.41 -4.55
C ILE B 112 -33.18 28.20 -4.85
N GLY B 113 -31.92 28.45 -5.19
CA GLY B 113 -30.98 27.37 -5.45
C GLY B 113 -29.56 27.76 -5.06
N PHE B 114 -28.74 26.76 -4.79
CA PHE B 114 -27.30 27.04 -4.35
C PHE B 114 -26.51 25.79 -4.67
N ILE B 115 -25.26 25.97 -5.05
CA ILE B 115 -24.26 24.90 -5.01
C ILE B 115 -22.90 25.52 -4.79
N SER B 116 -21.97 24.79 -4.16
CA SER B 116 -20.64 25.40 -3.94
C SER B 116 -19.52 24.39 -4.10
N ALA B 117 -18.32 24.90 -4.31
CA ALA B 117 -17.14 24.04 -4.20
C ALA B 117 -15.96 24.83 -3.71
N ILE B 118 -14.99 24.11 -3.19
CA ILE B 118 -13.69 24.70 -2.83
C ILE B 118 -12.59 23.81 -3.39
N PRO B 119 -11.43 24.36 -3.68
CA PRO B 119 -10.38 23.54 -4.23
C PRO B 119 -9.55 22.83 -3.11
N THR B 120 -9.08 21.61 -3.36
CA THR B 120 -8.26 20.85 -2.43
C THR B 120 -7.48 19.78 -3.20
N ASP B 121 -6.29 19.45 -2.74
CA ASP B 121 -5.57 18.30 -3.29
C ASP B 121 -6.06 17.05 -2.56
N ILE B 122 -6.46 16.04 -3.33
CA ILE B 122 -7.02 14.76 -2.82
C ILE B 122 -6.06 13.66 -3.26
N CYS B 123 -5.66 12.84 -2.30
CA CYS B 123 -4.89 11.65 -2.61
C CYS B 123 -5.82 10.43 -2.62
N ILE B 124 -5.89 9.79 -3.78
CA ILE B 124 -6.75 8.57 -4.00
C ILE B 124 -5.85 7.47 -4.42
N HIS B 125 -5.73 6.44 -3.59
CA HIS B 125 -4.90 5.27 -3.92
C HIS B 125 -3.51 5.68 -4.31
N LYS B 126 -2.98 6.64 -3.52
CA LYS B 126 -1.58 7.12 -3.65
C LYS B 126 -1.32 8.08 -4.81
N ARG B 127 -2.31 8.48 -5.54
CA ARG B 127 -2.14 9.51 -6.54
C ARG B 127 -2.79 10.81 -6.03
N THR B 128 -2.08 11.92 -6.09
CA THR B 128 -2.61 13.16 -5.61
C THR B 128 -3.09 14.01 -6.81
N ILE B 129 -4.34 14.43 -6.72
CA ILE B 129 -4.99 15.10 -7.83
C ILE B 129 -5.64 16.39 -7.31
N LYS B 130 -5.54 17.46 -8.06
CA LYS B 130 -6.28 18.69 -7.65
CA LYS B 130 -6.27 18.64 -7.67
C LYS B 130 -7.79 18.46 -7.89
N MET B 131 -8.65 18.74 -6.91
CA MET B 131 -10.03 18.42 -7.09
C MET B 131 -10.86 19.57 -6.57
N ALA B 132 -12.13 19.58 -6.93
CA ALA B 132 -13.08 20.46 -6.29
C ALA B 132 -13.77 19.58 -5.26
N GLU B 133 -14.04 20.15 -4.09
CA GLU B 133 -14.91 19.50 -3.11
C GLU B 133 -16.22 20.23 -3.17
N VAL B 134 -17.23 19.51 -3.58
CA VAL B 134 -18.59 20.10 -3.79
C VAL B 134 -19.49 19.87 -2.54
N ASN B 135 -20.23 20.90 -2.16
CA ASN B 135 -21.17 20.72 -1.04
C ASN B 135 -22.27 21.79 -1.13
N PHE B 136 -23.30 21.63 -0.29
CA PHE B 136 -24.37 22.62 -0.10
C PHE B 136 -25.31 22.77 -1.28
N LEU B 137 -25.38 21.76 -2.10
CA LEU B 137 -26.37 21.75 -3.19
C LEU B 137 -27.76 21.80 -2.53
N CYS B 138 -28.56 22.78 -2.93
CA CYS B 138 -29.90 22.90 -2.38
C CYS B 138 -30.86 23.57 -3.38
N VAL B 139 -32.05 23.00 -3.49
CA VAL B 139 -33.12 23.62 -4.30
C VAL B 139 -34.29 23.81 -3.35
N HIS B 140 -34.89 24.99 -3.40
CA HIS B 140 -36.08 25.27 -2.61
C HIS B 140 -37.13 24.14 -2.68
N LYS B 141 -37.73 23.84 -1.53
CA LYS B 141 -38.69 22.77 -1.44
C LYS B 141 -39.87 22.95 -2.41
N THR B 142 -40.30 24.18 -2.71
CA THR B 142 -41.38 24.38 -3.68
C THR B 142 -41.02 24.06 -5.16
N LEU B 143 -39.75 23.85 -5.44
CA LEU B 143 -39.25 23.66 -6.82
C LEU B 143 -38.58 22.30 -7.02
N ARG B 144 -38.94 21.30 -6.20
CA ARG B 144 -38.27 19.97 -6.27
C ARG B 144 -38.77 19.15 -7.44
N SER B 145 -37.95 18.21 -7.91
CA SER B 145 -38.27 17.40 -9.04
C SER B 145 -38.56 18.06 -10.37
N LYS B 146 -37.98 19.26 -10.62
CA LYS B 146 -38.05 20.05 -11.86
C LYS B 146 -36.74 19.98 -12.65
N ARG B 147 -35.81 19.13 -12.24
CA ARG B 147 -34.49 18.93 -12.96
C ARG B 147 -33.64 20.22 -12.87
N LEU B 148 -33.82 20.99 -11.78
CA LEU B 148 -32.89 22.06 -11.47
C LEU B 148 -31.54 21.61 -10.99
N ALA B 149 -31.49 20.49 -10.27
CA ALA B 149 -30.18 20.02 -9.73
C ALA B 149 -29.18 19.68 -10.82
N PRO B 150 -29.62 18.98 -11.91
CA PRO B 150 -28.58 18.76 -12.96
C PRO B 150 -28.04 20.08 -13.56
N VAL B 151 -28.81 21.18 -13.55
CA VAL B 151 -28.34 22.42 -14.17
C VAL B 151 -27.28 23.04 -13.23
N LEU B 152 -27.56 23.02 -11.91
CA LEU B 152 -26.58 23.44 -10.85
C LEU B 152 -25.25 22.68 -10.95
N ILE B 153 -25.36 21.35 -11.11
CA ILE B 153 -24.19 20.50 -11.24
C ILE B 153 -23.41 20.77 -12.54
N LYS B 154 -24.13 20.91 -13.69
CA LYS B 154 -23.39 21.11 -14.96
C LYS B 154 -22.73 22.50 -14.96
N GLU B 155 -23.42 23.47 -14.38
CA GLU B 155 -22.79 24.81 -14.31
C GLU B 155 -21.62 24.83 -13.39
N ILE B 156 -21.70 24.18 -12.23
CA ILE B 156 -20.51 24.24 -11.37
C ILE B 156 -19.33 23.47 -12.02
N THR B 157 -19.65 22.35 -12.68
CA THR B 157 -18.65 21.52 -13.43
C THR B 157 -17.90 22.40 -14.44
N ARG B 158 -18.70 23.22 -15.15
CA ARG B 158 -18.14 24.10 -16.14
C ARG B 158 -17.15 25.10 -15.52
N ARG B 159 -17.54 25.69 -14.40
CA ARG B 159 -16.75 26.79 -13.83
C ARG B 159 -15.50 26.16 -13.19
N ILE B 160 -15.63 24.91 -12.71
CA ILE B 160 -14.47 24.16 -12.21
C ILE B 160 -13.49 23.77 -13.34
N ASN B 161 -13.99 23.28 -14.47
CA ASN B 161 -13.14 22.97 -15.64
C ASN B 161 -12.41 24.23 -16.17
N LEU B 162 -13.03 25.41 -16.06
CA LEU B 162 -12.32 26.70 -16.42
C LEU B 162 -11.06 27.01 -15.61
N GLU B 163 -10.84 26.25 -14.50
CA GLU B 163 -9.63 26.36 -13.64
C GLU B 163 -8.68 25.18 -13.93
N ASN B 164 -8.97 24.42 -15.02
CA ASN B 164 -8.18 23.25 -15.36
C ASN B 164 -8.19 22.13 -14.28
N ILE B 165 -9.38 21.94 -13.70
CA ILE B 165 -9.61 20.89 -12.68
C ILE B 165 -10.76 20.07 -13.24
N TRP B 166 -10.52 18.74 -13.25
CA TRP B 166 -11.35 17.76 -13.96
C TRP B 166 -11.89 16.70 -13.08
N GLN B 167 -11.58 16.80 -11.77
CA GLN B 167 -12.07 15.80 -10.80
C GLN B 167 -12.76 16.46 -9.63
N ALA B 168 -13.71 15.81 -8.99
CA ALA B 168 -14.31 16.31 -7.78
C ALA B 168 -14.57 15.20 -6.80
N ILE B 169 -14.64 15.64 -5.55
CA ILE B 169 -15.11 14.74 -4.41
C ILE B 169 -16.36 15.30 -3.77
N TYR B 170 -17.31 14.42 -3.42
CA TYR B 170 -18.54 14.85 -2.79
C TYR B 170 -19.11 13.68 -2.05
N THR B 171 -19.95 13.97 -1.06
CA THR B 171 -20.65 12.94 -0.28
C THR B 171 -22.14 13.11 -0.33
N ALA B 172 -22.93 12.09 -0.06
CA ALA B 172 -24.34 12.34 0.02
C ALA B 172 -24.90 11.13 0.74
N GLY B 173 -26.05 11.34 1.41
CA GLY B 173 -26.76 10.21 2.02
C GLY B 173 -27.52 9.38 1.04
N VAL B 174 -27.76 9.90 -0.15
CA VAL B 174 -28.44 9.12 -1.17
C VAL B 174 -27.48 8.26 -1.97
N TYR B 175 -27.98 7.15 -2.47
CA TYR B 175 -27.24 6.32 -3.36
C TYR B 175 -27.28 6.89 -4.77
N LEU B 176 -26.11 7.08 -5.37
CA LEU B 176 -25.89 7.65 -6.70
C LEU B 176 -24.81 6.83 -7.35
N PRO B 177 -24.67 6.91 -8.68
CA PRO B 177 -23.57 6.19 -9.29
C PRO B 177 -22.25 6.88 -9.13
N LYS B 178 -21.22 6.26 -8.51
CA LYS B 178 -21.32 4.99 -7.77
C LYS B 178 -20.34 5.25 -6.57
N PRO B 179 -20.76 4.94 -5.32
CA PRO B 179 -19.81 5.23 -4.18
C PRO B 179 -18.46 4.55 -4.33
N VAL B 180 -17.39 5.26 -3.91
CA VAL B 180 -16.07 4.65 -3.67
C VAL B 180 -16.00 4.09 -2.27
N SER B 181 -16.83 4.60 -1.38
CA SER B 181 -16.96 4.03 0.01
C SER B 181 -18.28 4.47 0.61
N ASP B 182 -18.69 3.84 1.71
CA ASP B 182 -19.97 4.18 2.34
C ASP B 182 -19.77 3.92 3.85
N ALA B 183 -20.07 4.96 4.65
CA ALA B 183 -19.72 4.91 6.07
C ALA B 183 -20.99 5.22 6.87
N ARG B 184 -21.38 4.31 7.76
CA ARG B 184 -22.47 4.65 8.66
C ARG B 184 -22.08 5.70 9.71
N TYR B 185 -23.08 6.48 10.13
CA TYR B 185 -23.06 7.42 11.25
CA TYR B 185 -22.95 7.39 11.27
C TYR B 185 -23.31 6.68 12.56
N TYR B 186 -22.58 7.04 13.61
CA TYR B 186 -22.82 6.56 15.00
C TYR B 186 -22.96 7.80 15.86
N HIS B 187 -23.73 7.70 16.96
CA HIS B 187 -24.09 8.83 17.83
C HIS B 187 -23.82 8.54 19.27
N ARG B 188 -23.13 9.45 19.96
CA ARG B 188 -22.86 9.24 21.35
C ARG B 188 -23.64 10.25 22.12
N SER B 189 -24.71 9.80 22.75
CA SER B 189 -25.56 10.73 23.49
C SER B 189 -24.81 11.44 24.61
N ILE B 190 -25.04 12.74 24.78
CA ILE B 190 -24.52 13.48 25.90
C ILE B 190 -25.68 13.99 26.77
N ASN B 191 -26.62 14.70 26.16
CA ASN B 191 -27.79 15.20 26.91
C ASN B 191 -28.92 14.25 26.57
N VAL B 192 -28.97 13.15 27.34
CA VAL B 192 -29.79 11.98 27.13
C VAL B 192 -31.29 12.35 27.20
N LYS B 193 -31.66 13.16 28.17
CA LYS B 193 -33.07 13.41 28.36
C LYS B 193 -33.72 14.20 27.23
N LYS B 194 -33.02 15.23 26.76
CA LYS B 194 -33.43 15.96 25.56
C LYS B 194 -33.59 15.04 24.33
N LEU B 195 -32.63 14.16 24.12
CA LEU B 195 -32.68 13.24 22.99
C LEU B 195 -33.87 12.27 23.03
N ILE B 196 -34.27 11.88 24.24
CA ILE B 196 -35.49 11.02 24.31
CA ILE B 196 -35.48 11.05 24.44
C ILE B 196 -36.77 11.85 24.19
N GLU B 197 -36.78 13.04 24.78
CA GLU B 197 -37.94 13.95 24.64
C GLU B 197 -38.29 14.31 23.22
N ILE B 198 -37.27 14.45 22.35
CA ILE B 198 -37.52 14.84 20.98
C ILE B 198 -37.86 13.64 20.13
N GLY B 199 -37.75 12.44 20.71
CA GLY B 199 -38.26 11.22 20.11
C GLY B 199 -37.18 10.47 19.36
N PHE B 200 -35.95 10.93 19.49
CA PHE B 200 -34.90 10.29 18.78
C PHE B 200 -34.35 9.03 19.46
N SER B 201 -34.19 9.08 20.80
CA SER B 201 -33.63 7.95 21.54
C SER B 201 -34.79 7.25 22.25
N SER B 202 -34.61 5.98 22.53
CA SER B 202 -35.69 5.18 23.10
C SER B 202 -35.40 4.67 24.53
N LEU B 203 -36.46 4.44 25.32
CA LEU B 203 -36.34 3.76 26.61
C LEU B 203 -37.09 2.45 26.58
N ASN B 204 -36.85 1.58 27.56
N ASN B 204 -36.80 1.66 27.64
CA ASN B 204 -37.58 0.33 27.62
CA ASN B 204 -37.08 0.24 27.80
C ASN B 204 -37.53 -0.06 29.07
C ASN B 204 -37.56 -0.01 29.19
N SER B 205 -38.18 -1.16 29.41
CA SER B 205 -38.32 -1.53 30.79
CA SER B 205 -38.36 -1.62 30.79
C SER B 205 -37.00 -1.71 31.55
N ARG B 206 -35.95 -2.18 30.87
CA ARG B 206 -34.59 -2.32 31.36
C ARG B 206 -33.99 -0.89 31.43
N LEU B 207 -34.06 -0.14 30.32
CA LEU B 207 -33.46 1.19 30.25
C LEU B 207 -34.51 2.31 30.59
N THR B 208 -34.68 2.59 31.87
CA THR B 208 -35.59 3.66 32.29
C THR B 208 -34.87 4.97 32.10
N MET B 209 -35.60 6.07 32.27
CA MET B 209 -35.03 7.39 32.16
C MET B 209 -33.76 7.57 33.07
N SER B 210 -33.87 7.24 34.38
CA SER B 210 -32.72 7.42 35.24
C SER B 210 -31.54 6.53 34.87
N ARG B 211 -31.80 5.30 34.46
CA ARG B 211 -30.73 4.44 34.00
C ARG B 211 -30.06 4.89 32.74
N ALA B 212 -30.79 5.54 31.85
CA ALA B 212 -30.23 6.05 30.60
C ALA B 212 -29.32 7.21 30.93
N ILE B 213 -29.74 8.11 31.82
CA ILE B 213 -28.93 9.21 32.26
C ILE B 213 -27.66 8.71 32.95
N LYS B 214 -27.79 7.70 33.82
CA LYS B 214 -26.58 7.13 34.44
C LYS B 214 -25.65 6.50 33.36
N LEU B 215 -26.21 5.76 32.41
CA LEU B 215 -25.41 5.08 31.37
C LEU B 215 -24.49 6.08 30.62
N TYR B 216 -25.02 7.24 30.32
CA TYR B 216 -24.25 8.21 29.44
C TYR B 216 -23.48 9.27 30.22
N ARG B 217 -23.53 9.18 31.56
CA ARG B 217 -22.74 10.02 32.47
CA ARG B 217 -22.76 10.10 32.40
C ARG B 217 -21.26 10.00 32.10
N VAL B 218 -20.58 11.12 32.10
CA VAL B 218 -19.10 11.00 31.91
C VAL B 218 -18.35 11.74 33.04
N GLU B 219 -17.14 11.29 33.29
CA GLU B 219 -16.33 11.86 34.35
C GLU B 219 -15.75 13.15 33.74
N ASP B 220 -15.81 14.25 34.49
CA ASP B 220 -15.32 15.56 34.03
C ASP B 220 -13.80 15.70 34.17
N THR B 221 -13.04 14.70 33.80
CA THR B 221 -11.57 14.73 33.87
C THR B 221 -10.98 14.09 32.60
N LEU B 222 -10.06 14.80 31.94
CA LEU B 222 -9.42 14.31 30.76
C LEU B 222 -8.46 13.20 31.05
N ASN B 223 -8.43 12.20 30.18
CA ASN B 223 -7.35 11.20 30.13
C ASN B 223 -6.04 11.78 29.81
N ILE B 224 -6.02 12.85 28.99
CA ILE B 224 -4.78 13.48 28.50
C ILE B 224 -4.81 14.88 29.10
N LYS B 225 -4.22 15.01 30.28
CA LYS B 225 -4.48 16.22 31.10
C LYS B 225 -4.21 17.54 30.45
N ASN B 226 -3.19 17.61 29.58
CA ASN B 226 -2.81 18.88 28.97
C ASN B 226 -3.45 19.21 27.62
N MET B 227 -4.47 18.47 27.23
CA MET B 227 -5.23 18.75 26.01
CA MET B 227 -5.29 18.78 26.02
C MET B 227 -5.81 20.19 26.14
N ARG B 228 -5.46 21.04 25.19
CA ARG B 228 -5.85 22.45 25.25
C ARG B 228 -6.18 23.02 23.86
N LEU B 229 -6.94 24.11 23.82
CA LEU B 229 -7.28 24.67 22.53
C LEU B 229 -6.01 24.93 21.71
N MET B 230 -6.09 24.68 20.40
CA MET B 230 -5.01 24.92 19.48
C MET B 230 -4.85 26.43 19.25
N LYS B 231 -3.61 26.82 19.06
CA LYS B 231 -3.25 28.21 18.90
C LYS B 231 -2.37 28.31 17.71
N LYS B 232 -2.17 29.54 17.23
CA LYS B 232 -1.39 29.72 15.98
C LYS B 232 -0.02 29.04 15.92
N LYS B 233 0.72 29.10 17.03
CA LYS B 233 2.06 28.53 17.19
C LYS B 233 2.01 27.03 16.95
N ASP B 234 0.81 26.44 17.09
CA ASP B 234 0.73 24.99 16.92
C ASP B 234 0.55 24.47 15.49
N VAL B 235 0.41 25.36 14.52
CA VAL B 235 0.08 24.97 13.13
C VAL B 235 1.09 24.01 12.55
N GLU B 236 2.39 24.26 12.68
CA GLU B 236 3.39 23.37 12.11
C GLU B 236 3.31 21.98 12.70
N GLY B 237 3.16 21.92 14.03
CA GLY B 237 3.12 20.61 14.63
C GLY B 237 1.82 19.83 14.31
N VAL B 238 0.69 20.51 14.16
CA VAL B 238 -0.57 19.77 13.77
C VAL B 238 -0.38 19.33 12.28
N HIS B 239 0.20 20.21 11.46
CA HIS B 239 0.52 19.83 10.10
C HIS B 239 1.34 18.52 10.00
N LYS B 240 2.40 18.44 10.82
CA LYS B 240 3.24 17.27 10.76
CA LYS B 240 3.28 17.29 10.78
C LYS B 240 2.53 16.06 11.33
N LEU B 241 1.82 16.25 12.46
CA LEU B 241 1.13 15.13 13.08
C LEU B 241 0.04 14.55 12.16
N LEU B 242 -0.85 15.44 11.69
CA LEU B 242 -1.99 15.05 10.83
C LEU B 242 -1.50 14.55 9.47
N GLY B 243 -0.56 15.24 8.84
CA GLY B 243 -0.12 14.88 7.50
C GLY B 243 0.51 13.49 7.54
N SER B 244 1.31 13.23 8.58
N SER B 244 1.32 13.18 8.56
CA SER B 244 1.91 11.92 8.68
CA SER B 244 1.92 11.81 8.64
C SER B 244 0.85 10.83 8.82
C SER B 244 0.89 10.73 8.91
N TYR B 245 -0.10 11.06 9.73
CA TYR B 245 -1.22 10.12 10.05
C TYR B 245 -2.07 9.75 8.85
N LEU B 246 -2.39 10.76 8.05
CA LEU B 246 -3.28 10.57 6.93
C LEU B 246 -2.73 9.69 5.79
N GLU B 247 -1.39 9.61 5.69
CA GLU B 247 -0.78 8.86 4.60
C GLU B 247 -1.14 7.39 4.53
N GLN B 248 -1.63 6.79 5.60
CA GLN B 248 -2.00 5.37 5.56
C GLN B 248 -3.31 5.13 4.81
N PHE B 249 -4.12 6.13 4.63
CA PHE B 249 -5.49 5.95 4.05
C PHE B 249 -5.49 5.95 2.50
N ASN B 250 -6.51 5.30 2.00
CA ASN B 250 -6.76 5.25 0.58
C ASN B 250 -7.33 6.56 0.00
N LEU B 251 -7.87 7.42 0.82
CA LEU B 251 -8.52 8.63 0.36
C LEU B 251 -8.33 9.69 1.41
N TYR B 252 -7.62 10.75 1.08
CA TYR B 252 -7.43 11.80 2.09
C TYR B 252 -7.12 13.14 1.45
N ALA B 253 -7.26 14.26 2.19
CA ALA B 253 -6.80 15.58 1.63
C ALA B 253 -5.38 15.76 1.96
N VAL B 254 -4.63 16.39 1.05
CA VAL B 254 -3.22 16.67 1.38
C VAL B 254 -3.17 18.12 1.82
N PHE B 255 -3.09 18.36 3.12
CA PHE B 255 -3.18 19.72 3.61
C PHE B 255 -1.83 20.36 3.50
N THR B 256 -1.88 21.61 3.06
CA THR B 256 -0.78 22.53 3.25
C THR B 256 -0.84 23.19 4.66
N LYS B 257 0.21 23.90 4.98
CA LYS B 257 0.28 24.60 6.25
C LYS B 257 -0.87 25.63 6.33
N GLU B 258 -1.05 26.40 5.25
CA GLU B 258 -2.13 27.39 5.20
CA GLU B 258 -2.13 27.40 5.34
C GLU B 258 -3.51 26.75 5.42
N GLU B 259 -3.69 25.57 4.85
CA GLU B 259 -4.94 24.83 5.02
C GLU B 259 -5.10 24.30 6.44
N ILE B 260 -4.03 23.78 7.00
CA ILE B 260 -4.09 23.45 8.45
C ILE B 260 -4.60 24.65 9.27
N ALA B 261 -3.99 25.84 9.13
CA ALA B 261 -4.42 27.00 9.89
C ALA B 261 -5.92 27.27 9.67
N HIS B 262 -6.35 27.18 8.43
CA HIS B 262 -7.74 27.50 8.13
C HIS B 262 -8.70 26.42 8.68
N TRP B 263 -8.39 25.17 8.47
CA TRP B 263 -9.35 24.15 8.82
C TRP B 263 -9.39 23.81 10.32
N PHE B 264 -8.33 24.16 11.06
CA PHE B 264 -8.21 23.70 12.51
C PHE B 264 -8.14 24.80 13.55
N LEU B 265 -7.74 26.02 13.17
CA LEU B 265 -7.72 26.99 14.24
C LEU B 265 -9.12 27.30 14.77
N PRO B 266 -9.24 27.26 16.11
CA PRO B 266 -10.65 27.27 16.61
C PRO B 266 -11.44 28.53 16.36
N ILE B 267 -12.71 28.33 16.09
CA ILE B 267 -13.67 29.43 15.92
C ILE B 267 -14.86 28.97 16.73
N GLU B 268 -15.21 29.72 17.76
CA GLU B 268 -16.36 29.38 18.58
C GLU B 268 -17.61 29.02 17.78
N ASN B 269 -18.30 27.95 18.18
CA ASN B 269 -19.53 27.52 17.45
C ASN B 269 -19.34 27.09 15.98
N VAL B 270 -18.09 26.85 15.60
CA VAL B 270 -17.80 26.40 14.25
C VAL B 270 -16.83 25.20 14.30
N ILE B 271 -15.57 25.46 14.70
CA ILE B 271 -14.61 24.39 14.71
C ILE B 271 -13.81 24.40 16.02
N TYR B 272 -13.62 23.21 16.62
CA TYR B 272 -12.89 23.06 17.92
C TYR B 272 -11.73 22.17 17.69
N THR B 273 -10.51 22.62 17.95
CA THR B 273 -9.35 21.75 17.87
C THR B 273 -8.53 21.83 19.14
N TYR B 274 -8.19 20.66 19.68
CA TYR B 274 -7.38 20.60 20.89
C TYR B 274 -6.12 19.79 20.64
N VAL B 275 -5.02 20.20 21.32
CA VAL B 275 -3.70 19.62 21.11
C VAL B 275 -3.05 19.29 22.45
N ASN B 276 -2.27 18.24 22.42
CA ASN B 276 -1.36 17.87 23.50
C ASN B 276 0.04 18.13 23.10
N GLU B 277 0.65 19.15 23.72
CA GLU B 277 2.05 19.46 23.42
C GLU B 277 2.94 18.81 24.52
N GLU B 278 3.88 17.98 24.10
N GLU B 278 3.91 17.98 24.12
CA GLU B 278 4.83 17.37 25.01
CA GLU B 278 4.83 17.33 25.08
C GLU B 278 6.18 17.83 24.49
C GLU B 278 6.26 17.43 24.63
N ASN B 279 7.09 18.14 25.39
CA ASN B 279 8.47 18.37 25.04
C ASN B 279 8.66 19.05 23.69
N GLY B 280 7.94 20.15 23.45
CA GLY B 280 8.09 20.97 22.27
C GLY B 280 7.20 20.59 21.09
N LYS B 281 6.61 19.39 21.16
CA LYS B 281 6.01 18.77 19.98
C LYS B 281 4.54 18.47 20.16
N ILE B 282 3.75 18.66 19.10
CA ILE B 282 2.31 18.22 19.20
C ILE B 282 2.19 16.73 19.02
N LYS B 283 1.69 16.03 20.03
CA LYS B 283 1.72 14.60 19.99
C LYS B 283 0.36 13.97 19.88
N ASP B 284 -0.66 14.73 20.20
CA ASP B 284 -2.03 14.25 20.03
C ASP B 284 -2.92 15.44 19.63
N MET B 285 -3.97 15.12 18.91
CA MET B 285 -4.99 16.13 18.54
C MET B 285 -6.38 15.60 18.53
N ILE B 286 -7.31 16.46 18.88
CA ILE B 286 -8.74 16.17 18.78
C ILE B 286 -9.40 17.32 18.02
N SER B 287 -10.33 17.00 17.10
CA SER B 287 -11.07 18.08 16.49
C SER B 287 -12.47 17.66 16.14
N PHE B 288 -13.41 18.63 16.25
CA PHE B 288 -14.81 18.39 15.90
C PHE B 288 -15.46 19.70 15.53
N TYR B 289 -16.41 19.61 14.60
CA TYR B 289 -17.08 20.85 14.22
C TYR B 289 -18.46 20.87 14.69
N SER B 290 -18.96 22.10 14.80
CA SER B 290 -20.34 22.38 15.16
C SER B 290 -21.38 22.37 14.02
N LEU B 291 -22.38 21.52 14.15
CA LEU B 291 -23.47 21.51 13.18
C LEU B 291 -24.79 21.20 13.82
N PRO B 292 -25.49 22.25 14.26
CA PRO B 292 -26.80 22.02 14.82
C PRO B 292 -27.82 21.53 13.81
N SER B 293 -28.84 20.86 14.31
CA SER B 293 -30.08 20.68 13.55
C SER B 293 -31.29 21.37 14.16
N GLN B 294 -32.16 21.90 13.30
CA GLN B 294 -33.44 22.33 13.72
C GLN B 294 -34.27 21.07 14.03
N ILE B 295 -35.06 21.13 15.07
CA ILE B 295 -35.87 20.00 15.44
C ILE B 295 -37.27 20.39 15.00
N LEU B 296 -37.85 19.64 14.09
CA LEU B 296 -39.05 20.09 13.37
C LEU B 296 -40.29 19.87 14.21
N GLY B 297 -41.07 20.95 14.41
CA GLY B 297 -42.34 20.89 15.15
C GLY B 297 -42.25 20.44 16.60
N ASN B 298 -41.31 20.98 17.38
CA ASN B 298 -41.22 20.62 18.82
C ASN B 298 -41.27 21.91 19.62
N ASP B 299 -42.27 21.99 20.52
CA ASP B 299 -42.48 23.27 21.21
C ASP B 299 -41.47 23.51 22.30
N LYS B 300 -40.80 22.44 22.75
CA LYS B 300 -39.90 22.59 23.90
C LYS B 300 -38.48 22.90 23.44
N TYR B 301 -38.03 22.18 22.40
CA TYR B 301 -36.68 22.28 21.90
C TYR B 301 -36.77 22.62 20.42
N SER B 302 -36.17 23.73 20.03
CA SER B 302 -36.14 24.08 18.61
C SER B 302 -34.81 23.66 17.90
N THR B 303 -33.77 23.39 18.68
CA THR B 303 -32.41 23.10 18.11
C THR B 303 -31.75 21.91 18.85
N LEU B 304 -31.07 21.05 18.14
CA LEU B 304 -30.22 20.07 18.70
C LEU B 304 -28.77 20.44 18.38
N ASN B 305 -27.95 20.67 19.41
CA ASN B 305 -26.53 21.01 19.18
C ASN B 305 -25.72 19.74 19.08
N ALA B 306 -25.06 19.56 17.96
CA ALA B 306 -24.32 18.37 17.65
C ALA B 306 -22.86 18.67 17.26
N ALA B 307 -21.96 17.92 17.87
CA ALA B 307 -20.53 17.97 17.50
C ALA B 307 -20.23 16.79 16.58
N TYR B 308 -19.52 17.06 15.52
CA TYR B 308 -19.09 16.00 14.53
C TYR B 308 -17.62 15.84 14.51
N SER B 309 -17.21 14.61 14.80
CA SER B 309 -15.85 14.17 14.73
C SER B 309 -15.21 14.53 13.44
N PHE B 310 -14.00 15.17 13.55
CA PHE B 310 -13.32 15.67 12.38
C PHE B 310 -12.05 14.86 12.19
N TYR B 311 -10.90 15.34 12.73
CA TYR B 311 -9.68 14.54 12.66
C TYR B 311 -9.08 14.43 14.07
N ASN B 312 -8.79 13.18 14.43
CA ASN B 312 -8.25 12.84 15.78
C ASN B 312 -7.06 11.92 15.67
N VAL B 313 -5.92 12.29 16.29
CA VAL B 313 -4.70 11.51 16.22
C VAL B 313 -4.10 11.34 17.63
N THR B 314 -3.77 10.14 18.04
CA THR B 314 -3.04 9.96 19.29
C THR B 314 -1.74 9.18 19.11
N THR B 315 -0.65 9.72 19.71
CA THR B 315 0.64 9.00 19.83
C THR B 315 1.08 8.77 21.29
N THR B 316 0.29 9.26 22.27
CA THR B 316 0.66 9.07 23.68
C THR B 316 -0.41 8.35 24.48
N ALA B 317 -1.58 8.12 23.88
CA ALA B 317 -2.69 7.50 24.55
C ALA B 317 -3.29 6.38 23.71
N THR B 318 -4.33 5.67 24.17
CA THR B 318 -5.01 4.79 23.24
C THR B 318 -6.04 5.62 22.45
N PHE B 319 -6.48 5.09 21.31
CA PHE B 319 -7.50 5.79 20.55
C PHE B 319 -8.82 5.94 21.33
N LYS B 320 -9.16 4.91 22.12
CA LYS B 320 -10.30 4.98 22.99
CA LYS B 320 -10.32 5.02 22.99
C LYS B 320 -10.17 6.16 23.96
N GLN B 321 -8.99 6.34 24.56
CA GLN B 321 -8.83 7.41 25.58
C GLN B 321 -8.96 8.72 24.91
N LEU B 322 -8.38 8.77 23.73
CA LEU B 322 -8.45 10.02 22.97
C LEU B 322 -9.91 10.41 22.61
N MET B 323 -10.67 9.44 22.11
CA MET B 323 -12.07 9.73 21.77
C MET B 323 -12.94 9.96 22.98
N GLN B 324 -12.58 9.35 24.11
CA GLN B 324 -13.29 9.64 25.34
C GLN B 324 -13.04 11.12 25.76
N ASP B 325 -11.82 11.60 25.60
CA ASP B 325 -11.63 13.01 25.82
C ASP B 325 -12.34 13.87 24.82
N ALA B 326 -12.43 13.45 23.54
CA ALA B 326 -13.21 14.22 22.57
C ALA B 326 -14.68 14.37 23.02
N ILE B 327 -15.32 13.26 23.44
CA ILE B 327 -16.68 13.35 23.98
C ILE B 327 -16.81 14.30 25.16
N LEU B 328 -15.85 14.20 26.10
CA LEU B 328 -15.84 15.18 27.21
C LEU B 328 -15.71 16.61 26.77
N LEU B 329 -14.79 16.86 25.89
CA LEU B 329 -14.56 18.24 25.36
C LEU B 329 -15.87 18.78 24.67
N ALA B 330 -16.58 17.89 23.96
CA ALA B 330 -17.85 18.25 23.35
C ALA B 330 -18.89 18.51 24.41
N LYS B 331 -18.91 17.68 25.48
CA LYS B 331 -19.81 17.96 26.59
C LYS B 331 -19.48 19.31 27.26
N ARG B 332 -18.20 19.63 27.45
CA ARG B 332 -17.81 20.92 28.08
C ARG B 332 -18.17 22.11 27.27
N ASN B 333 -18.41 21.91 25.95
CA ASN B 333 -18.83 22.99 25.08
C ASN B 333 -20.34 22.94 24.74
N ASN B 334 -21.12 22.28 25.58
CA ASN B 334 -22.59 22.35 25.59
C ASN B 334 -23.26 21.64 24.42
N PHE B 335 -22.55 20.67 23.81
CA PHE B 335 -23.16 19.82 22.77
C PHE B 335 -24.05 18.72 23.38
N ASP B 336 -25.15 18.46 22.68
CA ASP B 336 -26.13 17.45 23.08
C ASP B 336 -25.77 16.06 22.69
N VAL B 337 -24.94 15.91 21.66
CA VAL B 337 -24.60 14.62 21.09
C VAL B 337 -23.25 14.79 20.38
N PHE B 338 -22.49 13.72 20.33
CA PHE B 338 -21.23 13.64 19.50
C PHE B 338 -21.36 12.53 18.51
N ASN B 339 -21.22 12.90 17.25
CA ASN B 339 -21.43 12.02 16.12
C ASN B 339 -20.10 11.76 15.43
N ALA B 340 -19.98 10.54 14.92
CA ALA B 340 -18.81 10.14 14.15
C ALA B 340 -19.20 9.14 13.05
N LEU B 341 -18.43 9.14 11.97
CA LEU B 341 -18.55 8.13 10.91
C LEU B 341 -17.58 6.96 11.18
N GLU B 342 -17.93 5.79 10.59
CA GLU B 342 -17.02 4.61 10.71
C GLU B 342 -15.86 4.69 9.74
N VAL B 343 -15.17 5.83 9.73
CA VAL B 343 -13.97 6.06 8.90
C VAL B 343 -12.72 6.08 9.76
N MET B 344 -11.52 5.96 9.12
CA MET B 344 -10.23 5.95 9.86
C MET B 344 -10.28 4.85 10.94
N GLN B 345 -9.92 5.14 12.20
CA GLN B 345 -9.99 4.07 13.24
C GLN B 345 -11.21 4.16 14.09
N ASN B 346 -12.21 4.93 13.67
CA ASN B 346 -13.31 5.31 14.55
C ASN B 346 -14.14 4.08 15.00
N LYS B 347 -14.39 3.10 14.12
CA LYS B 347 -15.39 2.08 14.40
C LYS B 347 -14.99 1.29 15.67
N SER B 348 -13.68 1.13 15.82
CA SER B 348 -13.12 0.39 16.96
CA SER B 348 -13.22 0.35 16.95
C SER B 348 -13.55 0.92 18.34
N VAL B 349 -13.90 2.20 18.45
CA VAL B 349 -14.16 2.70 19.76
C VAL B 349 -15.64 2.75 20.07
N PHE B 350 -16.48 2.47 19.06
CA PHE B 350 -17.87 2.87 19.18
C PHE B 350 -18.60 2.07 20.26
N GLU B 351 -18.38 0.79 20.28
CA GLU B 351 -19.10 -0.02 21.29
C GLU B 351 -18.68 0.35 22.74
N ASP B 352 -17.39 0.39 23.02
CA ASP B 352 -16.93 0.68 24.40
C ASP B 352 -17.28 2.08 24.83
N LEU B 353 -17.37 3.01 23.87
CA LEU B 353 -17.68 4.41 24.23
C LEU B 353 -19.16 4.72 24.15
N LYS B 354 -19.95 3.68 23.95
CA LYS B 354 -21.41 3.83 24.09
C LYS B 354 -22.05 4.59 22.95
N PHE B 355 -21.43 4.53 21.77
CA PHE B 355 -22.10 5.07 20.54
C PHE B 355 -23.16 4.08 20.12
N GLY B 356 -24.27 4.57 19.59
CA GLY B 356 -25.29 3.69 18.94
C GLY B 356 -25.24 3.95 17.45
N GLU B 357 -25.43 2.88 16.69
CA GLU B 357 -25.53 2.96 15.24
C GLU B 357 -26.72 3.82 14.82
N GLY B 358 -26.49 4.75 13.90
CA GLY B 358 -27.62 5.54 13.41
C GLY B 358 -28.43 4.80 12.30
N ASP B 359 -29.28 5.57 11.65
CA ASP B 359 -30.23 5.08 10.65
C ASP B 359 -29.66 5.00 9.24
N GLY B 360 -28.70 5.80 8.88
CA GLY B 360 -28.29 5.68 7.49
C GLY B 360 -26.79 5.78 7.35
N SER B 361 -26.35 6.11 6.14
CA SER B 361 -24.91 6.19 5.84
C SER B 361 -24.57 7.34 4.95
N LEU B 362 -23.28 7.72 4.99
CA LEU B 362 -22.78 8.76 4.11
C LEU B 362 -21.94 8.06 3.03
N LYS B 363 -22.37 8.21 1.80
CA LYS B 363 -21.60 7.70 0.60
C LYS B 363 -20.59 8.70 0.09
N TYR B 364 -19.37 8.19 -0.16
CA TYR B 364 -18.28 9.04 -0.72
C TYR B 364 -18.23 8.79 -2.18
N TYR B 365 -18.10 9.88 -2.97
CA TYR B 365 -18.07 9.78 -4.43
C TYR B 365 -16.89 10.58 -5.00
N LEU B 366 -16.42 10.07 -6.14
CA LEU B 366 -15.51 10.88 -7.00
C LEU B 366 -16.13 11.14 -8.35
N TYR B 367 -15.80 12.27 -8.96
CA TYR B 367 -16.29 12.59 -10.30
C TYR B 367 -15.12 12.53 -11.26
N ASN B 368 -15.37 11.85 -12.39
CA ASN B 368 -14.35 11.61 -13.41
C ASN B 368 -13.10 10.88 -12.89
N TRP B 369 -13.39 9.82 -12.12
CA TRP B 369 -12.35 8.97 -11.59
C TRP B 369 -12.79 7.55 -11.45
N LYS B 370 -11.95 6.65 -11.93
CA LYS B 370 -12.24 5.21 -11.91
C LYS B 370 -11.23 4.59 -10.93
N CYS B 371 -11.69 3.85 -9.95
CA CYS B 371 -10.82 3.11 -9.02
C CYS B 371 -11.62 2.05 -8.29
N ALA B 372 -10.91 1.12 -7.62
CA ALA B 372 -11.61 0.13 -6.75
C ALA B 372 -12.25 0.85 -5.57
N SER B 373 -13.40 0.36 -5.16
CA SER B 373 -14.10 0.90 -4.00
C SER B 373 -13.44 0.22 -2.79
N PHE B 374 -13.66 0.76 -1.60
CA PHE B 374 -13.00 0.21 -0.41
C PHE B 374 -13.80 0.44 0.83
N ALA B 375 -13.46 -0.33 1.87
CA ALA B 375 -14.18 -0.20 3.15
C ALA B 375 -13.90 1.16 3.75
N PRO B 376 -14.83 1.70 4.59
CA PRO B 376 -14.71 3.05 5.15
C PRO B 376 -13.56 3.17 6.15
N ALA B 377 -13.01 2.06 6.65
CA ALA B 377 -11.77 2.17 7.51
C ALA B 377 -10.61 2.69 6.69
N HIS B 378 -10.73 2.61 5.33
CA HIS B 378 -9.66 3.13 4.46
C HIS B 378 -9.92 4.58 4.02
N VAL B 379 -11.05 5.15 4.43
CA VAL B 379 -11.33 6.57 4.18
C VAL B 379 -10.64 7.45 5.20
N GLY B 380 -9.87 8.45 4.71
CA GLY B 380 -9.19 9.34 5.66
C GLY B 380 -9.60 10.79 5.47
N ILE B 381 -10.83 11.03 5.05
CA ILE B 381 -11.29 12.41 4.86
C ILE B 381 -12.69 12.53 5.37
N VAL B 382 -12.95 13.66 6.00
CA VAL B 382 -14.29 14.01 6.55
C VAL B 382 -14.71 15.34 5.92
N LEU B 383 -15.77 15.30 5.12
CA LEU B 383 -16.32 16.53 4.52
CA LEU B 383 -16.36 16.51 4.51
C LEU B 383 -17.36 17.16 5.44
N LEU B 384 -17.74 18.38 5.15
CA LEU B 384 -18.58 19.12 6.11
C LEU B 384 -20.08 18.83 5.94
N ASP C 1 34.95 -12.27 0.08
CA ASP C 1 33.92 -11.35 0.65
C ASP C 1 34.26 -9.89 0.33
N TYR C 2 33.50 -8.96 0.87
CA TYR C 2 33.59 -7.56 0.38
C TYR C 2 33.83 -6.64 1.53
N LYS C 3 35.09 -6.54 1.94
CA LYS C 3 35.35 -5.91 3.24
C LYS C 3 35.04 -4.40 3.25
N PHE C 4 35.34 -3.72 2.13
CA PHE C 4 34.87 -2.35 2.04
C PHE C 4 33.40 -2.22 1.77
N TRP C 5 32.91 -2.88 0.71
CA TRP C 5 31.52 -2.73 0.37
C TRP C 5 30.49 -3.02 1.48
N TYR C 6 30.78 -4.05 2.28
CA TYR C 6 30.03 -4.47 3.52
CA TYR C 6 29.80 -4.39 3.30
C TYR C 6 29.74 -3.33 4.48
N THR C 7 30.62 -2.36 4.45
N THR C 7 30.65 -2.36 4.54
CA THR C 7 30.59 -1.23 5.33
CA THR C 7 30.45 -1.20 5.42
C THR C 7 29.68 -0.12 4.78
C THR C 7 29.49 -0.15 4.84
N GLN C 8 29.17 -0.30 3.55
CA GLN C 8 28.48 0.76 2.82
C GLN C 8 26.96 0.41 2.78
N PRO C 9 26.08 1.39 2.63
CA PRO C 9 24.64 1.18 2.53
C PRO C 9 24.27 0.70 1.10
N VAL C 10 24.62 -0.55 0.85
CA VAL C 10 24.34 -1.28 -0.40
C VAL C 10 23.89 -2.66 0.02
N PRO C 11 23.22 -3.39 -0.89
CA PRO C 11 22.70 -4.75 -0.43
C PRO C 11 23.87 -5.71 -0.17
N LYS C 12 23.65 -6.76 0.60
CA LYS C 12 24.64 -7.86 0.67
C LYS C 12 24.46 -8.77 -0.50
N ILE C 13 25.49 -9.55 -0.83
CA ILE C 13 25.56 -10.30 -2.08
C ILE C 13 24.39 -11.28 -2.27
N ASN C 14 23.82 -11.76 -1.16
CA ASN C 14 22.68 -12.64 -1.24
C ASN C 14 21.32 -11.98 -1.09
N ASP C 15 21.29 -10.64 -0.93
CA ASP C 15 20.00 -9.95 -0.67
C ASP C 15 19.03 -9.97 -1.90
N GLU C 16 17.76 -10.25 -1.65
CA GLU C 16 16.72 -10.03 -2.64
C GLU C 16 15.56 -9.31 -1.98
N PHE C 17 14.91 -8.46 -2.75
CA PHE C 17 13.86 -7.64 -2.17
C PHE C 17 12.60 -7.88 -2.95
N ASN C 18 11.50 -7.75 -2.24
CA ASN C 18 10.19 -7.90 -2.85
C ASN C 18 9.90 -6.71 -3.72
N GLU C 19 9.10 -6.95 -4.75
CA GLU C 19 8.71 -5.94 -5.74
C GLU C 19 8.40 -4.58 -5.19
N SER C 20 7.77 -4.50 -4.02
CA SER C 20 7.31 -3.22 -3.54
C SER C 20 8.33 -2.41 -2.75
N VAL C 21 9.44 -3.03 -2.38
CA VAL C 21 10.47 -2.36 -1.61
C VAL C 21 11.10 -1.34 -2.49
N ASN C 22 11.11 -0.07 -2.09
CA ASN C 22 11.74 0.96 -2.92
C ASN C 22 12.09 2.16 -2.04
N GLU C 23 13.27 2.12 -1.40
CA GLU C 23 13.58 3.17 -0.40
C GLU C 23 15.08 3.11 -0.07
N PRO C 24 15.60 4.12 0.62
CA PRO C 24 16.99 4.15 0.98
C PRO C 24 17.30 3.08 2.05
N PHE C 25 18.54 2.63 2.11
CA PHE C 25 18.97 1.87 3.27
C PHE C 25 19.00 2.80 4.49
N ILE C 26 19.50 4.05 4.33
CA ILE C 26 19.67 4.99 5.42
C ILE C 26 18.95 6.27 5.07
N SER C 27 17.90 6.59 5.82
CA SER C 27 17.15 7.83 5.64
CA SER C 27 17.15 7.83 5.65
C SER C 27 17.49 8.85 6.75
N ASP C 28 16.95 10.05 6.63
CA ASP C 28 17.13 11.13 7.61
C ASP C 28 18.58 11.60 7.78
N ASN C 29 19.28 11.67 6.66
CA ASN C 29 20.69 12.03 6.67
C ASN C 29 20.74 13.53 6.85
N LYS C 30 21.84 14.09 7.41
CA LYS C 30 21.85 15.51 7.71
C LYS C 30 23.16 16.07 7.14
N VAL C 31 23.05 17.05 6.25
CA VAL C 31 24.25 17.75 5.78
C VAL C 31 25.12 18.25 6.92
N GLU C 32 24.50 18.79 7.97
CA GLU C 32 25.28 19.36 9.13
C GLU C 32 26.23 18.30 9.70
N ASP C 33 25.91 17.00 9.58
CA ASP C 33 26.69 15.97 10.22
C ASP C 33 27.83 15.40 9.37
N VAL C 34 27.84 15.78 8.08
CA VAL C 34 28.80 15.20 7.16
C VAL C 34 30.20 15.57 7.51
N ARG C 35 31.14 14.65 7.35
CA ARG C 35 32.55 14.94 7.63
C ARG C 35 33.00 16.17 6.83
N LYS C 36 33.70 17.10 7.45
CA LYS C 36 34.09 18.31 6.72
C LYS C 36 35.55 18.23 6.30
N ASP C 37 36.19 17.13 6.67
CA ASP C 37 37.59 16.95 6.36
C ASP C 37 37.76 15.97 5.22
N GLU C 38 38.69 16.28 4.33
CA GLU C 38 39.04 15.32 3.24
C GLU C 38 39.62 14.01 3.83
N TYR C 39 39.30 12.88 3.24
CA TYR C 39 39.87 11.60 3.59
C TYR C 39 41.34 11.61 3.40
N LYS C 40 42.03 10.85 4.25
CA LYS C 40 43.49 10.80 4.25
C LYS C 40 44.06 9.87 3.19
N LEU C 41 45.14 10.34 2.58
CA LEU C 41 45.86 9.62 1.56
C LEU C 41 47.22 9.23 2.14
N PRO C 42 47.88 8.25 1.54
CA PRO C 42 49.22 7.86 1.93
C PRO C 42 50.21 9.03 1.75
N PRO C 43 51.37 8.96 2.43
CA PRO C 43 52.40 10.01 2.40
C PRO C 43 52.89 10.28 0.97
N GLY C 44 52.84 11.54 0.62
CA GLY C 44 53.29 11.97 -0.70
C GLY C 44 52.22 12.09 -1.73
N TYR C 45 50.95 11.79 -1.36
CA TYR C 45 49.85 11.88 -2.29
C TYR C 45 48.88 13.01 -1.88
N SER C 46 48.29 13.71 -2.87
CA SER C 46 47.43 14.82 -2.51
C SER C 46 46.18 14.84 -3.35
N TRP C 47 45.07 15.34 -2.76
CA TRP C 47 43.91 15.65 -3.51
C TRP C 47 44.20 16.80 -4.41
N TYR C 48 43.58 16.69 -5.59
CA TYR C 48 43.65 17.70 -6.61
C TYR C 48 42.33 18.11 -7.19
N VAL C 49 42.13 19.43 -7.35
CA VAL C 49 40.83 19.94 -7.86
C VAL C 49 41.01 20.02 -9.38
N CYS C 50 40.43 19.04 -10.05
CA CYS C 50 40.55 19.01 -11.51
C CYS C 50 39.60 19.96 -12.14
N ASP C 51 40.08 20.92 -12.93
CA ASP C 51 39.17 21.86 -13.66
C ASP C 51 39.02 21.34 -15.08
N VAL C 52 37.98 20.54 -15.34
N VAL C 52 37.96 20.60 -15.32
CA VAL C 52 37.83 19.91 -16.64
CA VAL C 52 37.78 19.95 -16.59
C VAL C 52 37.70 20.96 -17.78
C VAL C 52 37.63 20.94 -17.76
N LYS C 53 37.28 22.18 -17.46
CA LYS C 53 37.24 23.22 -18.52
C LYS C 53 38.58 23.78 -18.92
N ASP C 54 39.57 23.55 -18.06
CA ASP C 54 40.94 23.90 -18.37
C ASP C 54 41.59 22.82 -19.24
N GLU C 55 42.06 23.21 -20.42
CA GLU C 55 42.66 22.27 -21.32
C GLU C 55 43.80 21.45 -20.66
N LYS C 56 44.59 22.12 -19.84
CA LYS C 56 45.72 21.38 -19.26
C LYS C 56 45.27 20.31 -18.23
N ASP C 57 44.35 20.70 -17.37
CA ASP C 57 43.80 19.77 -16.40
C ASP C 57 43.13 18.62 -17.15
N ARG C 58 42.35 18.94 -18.20
CA ARG C 58 41.63 17.92 -18.97
C ARG C 58 42.63 16.99 -19.62
N SER C 59 43.70 17.51 -20.19
CA SER C 59 44.70 16.65 -20.82
CA SER C 59 44.76 16.68 -20.79
C SER C 59 45.31 15.66 -19.82
N GLU C 60 45.49 16.06 -18.57
CA GLU C 60 46.05 15.15 -17.60
C GLU C 60 45.08 14.03 -17.25
N ILE C 61 43.82 14.35 -17.06
CA ILE C 61 42.81 13.27 -16.90
C ILE C 61 42.83 12.35 -18.18
N TYR C 62 42.86 12.93 -19.38
CA TYR C 62 42.91 12.15 -20.61
C TYR C 62 44.08 11.19 -20.56
N THR C 63 45.26 11.69 -20.20
CA THR C 63 46.44 10.78 -20.23
C THR C 63 46.32 9.66 -19.18
N LEU C 64 45.86 10.00 -17.96
CA LEU C 64 45.61 9.00 -16.96
C LEU C 64 44.69 7.90 -17.48
N LEU C 65 43.52 8.26 -18.01
CA LEU C 65 42.59 7.22 -18.45
C LEU C 65 43.17 6.46 -19.66
N THR C 66 43.85 7.16 -20.59
CA THR C 66 44.31 6.52 -21.79
C THR C 66 45.24 5.39 -21.39
N ASP C 67 46.10 5.66 -20.38
CA ASP C 67 47.05 4.62 -19.98
C ASP C 67 46.57 3.62 -18.93
N ASN C 68 45.51 3.92 -18.20
CA ASN C 68 45.19 3.12 -17.04
C ASN C 68 43.74 2.76 -16.85
N TYR C 69 42.83 3.11 -17.79
CA TYR C 69 41.41 2.87 -17.56
C TYR C 69 41.09 1.41 -17.93
N VAL C 70 39.80 1.11 -18.07
CA VAL C 70 39.28 -0.29 -18.12
C VAL C 70 39.81 -1.05 -19.33
N GLU C 71 40.32 -2.27 -19.10
CA GLU C 71 40.67 -3.24 -20.14
C GLU C 71 39.70 -4.40 -20.12
N ASP C 72 39.50 -5.04 -21.25
CA ASP C 72 38.67 -6.26 -21.14
C ASP C 72 39.41 -7.40 -20.40
N ASP C 73 38.68 -8.46 -20.00
CA ASP C 73 39.29 -9.56 -19.24
C ASP C 73 40.48 -10.20 -19.95
N ASP C 74 40.55 -10.06 -21.27
CA ASP C 74 41.67 -10.61 -22.03
C ASP C 74 42.75 -9.65 -22.49
N ASN C 75 42.66 -8.41 -22.05
CA ASN C 75 43.68 -7.37 -22.35
C ASN C 75 43.90 -7.16 -23.84
N ILE C 76 42.80 -7.24 -24.57
CA ILE C 76 42.89 -6.93 -25.97
C ILE C 76 42.70 -5.43 -26.21
N PHE C 77 41.77 -4.86 -25.46
CA PHE C 77 41.43 -3.46 -25.64
C PHE C 77 41.56 -2.67 -24.35
N ARG C 78 41.79 -1.36 -24.47
CA ARG C 78 41.59 -0.44 -23.37
C ARG C 78 40.71 0.72 -23.87
N PHE C 79 39.64 1.08 -23.17
CA PHE C 79 38.89 2.30 -23.55
C PHE C 79 39.80 3.51 -23.64
N ASN C 80 39.55 4.32 -24.67
CA ASN C 80 40.29 5.54 -24.95
C ASN C 80 39.29 6.72 -25.10
N TYR C 81 38.60 7.08 -23.98
CA TYR C 81 37.74 8.29 -24.01
C TYR C 81 38.53 9.53 -24.45
N SER C 82 38.04 10.30 -25.44
CA SER C 82 38.84 11.51 -25.86
C SER C 82 38.75 12.67 -24.88
N ALA C 83 39.66 13.61 -24.92
CA ALA C 83 39.55 14.77 -24.07
C ALA C 83 38.27 15.55 -24.28
N GLU C 84 37.74 15.60 -25.54
CA GLU C 84 36.55 16.39 -25.79
C GLU C 84 35.34 15.62 -25.27
N PHE C 85 35.46 14.31 -25.27
CA PHE C 85 34.38 13.47 -24.71
C PHE C 85 34.35 13.70 -23.20
N LEU C 86 35.52 13.77 -22.54
CA LEU C 86 35.49 13.99 -21.07
C LEU C 86 34.88 15.34 -20.74
N LEU C 87 35.14 16.39 -21.54
CA LEU C 87 34.58 17.71 -21.32
C LEU C 87 33.05 17.64 -21.38
N TRP C 88 32.50 16.91 -22.36
CA TRP C 88 31.05 16.75 -22.56
C TRP C 88 30.45 15.95 -21.40
N ALA C 89 31.12 14.88 -20.98
CA ALA C 89 30.58 13.92 -20.00
C ALA C 89 30.52 14.53 -18.60
N LEU C 90 31.37 15.53 -18.35
CA LEU C 90 31.58 16.00 -17.01
C LEU C 90 30.99 17.34 -16.77
N THR C 91 30.52 18.02 -17.80
CA THR C 91 30.08 19.41 -17.63
C THR C 91 28.65 19.61 -17.97
N SER C 92 27.80 18.61 -17.65
CA SER C 92 26.37 18.70 -17.84
C SER C 92 25.70 19.73 -16.96
N PRO C 93 24.40 19.97 -17.17
CA PRO C 93 23.85 21.08 -16.44
C PRO C 93 23.97 20.97 -14.91
N ASN C 94 24.38 22.07 -14.26
CA ASN C 94 24.43 22.18 -12.79
C ASN C 94 25.54 21.30 -12.19
N TYR C 95 26.48 20.92 -13.03
CA TYR C 95 27.57 20.12 -12.52
C TYR C 95 28.35 20.82 -11.38
N LEU C 96 28.93 20.02 -10.52
CA LEU C 96 29.66 20.51 -9.32
C LEU C 96 31.12 20.34 -9.64
N LYS C 97 31.89 21.46 -9.60
CA LYS C 97 33.33 21.42 -9.70
CA LYS C 97 33.34 21.29 -9.80
C LYS C 97 34.01 20.45 -8.67
N THR C 98 33.37 20.42 -7.50
CA THR C 98 33.89 19.63 -6.36
C THR C 98 33.80 18.12 -6.59
N TRP C 99 33.05 17.71 -7.62
CA TRP C 99 32.85 16.27 -7.89
C TRP C 99 33.75 15.78 -8.99
N HIS C 100 34.74 16.57 -9.38
CA HIS C 100 35.77 16.11 -10.29
C HIS C 100 37.08 16.03 -9.50
N ILE C 101 37.47 14.81 -9.15
CA ILE C 101 38.46 14.63 -8.07
C ILE C 101 39.68 13.91 -8.54
N GLY C 102 40.85 14.57 -8.48
CA GLY C 102 42.09 13.91 -8.86
C GLY C 102 42.90 13.59 -7.60
N VAL C 103 43.88 12.66 -7.74
CA VAL C 103 44.89 12.48 -6.70
C VAL C 103 46.19 12.58 -7.49
N LYS C 104 47.10 13.38 -6.97
CA LYS C 104 48.42 13.53 -7.52
C LYS C 104 49.51 12.93 -6.62
N TYR C 105 50.60 12.43 -7.20
CA TYR C 105 51.78 12.08 -6.43
C TYR C 105 52.64 13.31 -6.35
N ASP C 106 52.99 13.79 -5.15
CA ASP C 106 53.68 15.10 -5.07
C ASP C 106 55.09 15.06 -5.69
N ALA C 107 55.75 13.92 -5.65
CA ALA C 107 57.08 13.76 -6.26
C ALA C 107 57.15 14.07 -7.76
N SER C 108 56.06 13.75 -8.48
CA SER C 108 56.05 13.81 -9.98
C SER C 108 55.11 14.90 -10.46
N ASN C 109 54.29 15.44 -9.56
CA ASN C 109 53.19 16.32 -9.92
C ASN C 109 52.25 15.73 -11.00
N LYS C 110 52.09 14.39 -11.02
CA LYS C 110 51.29 13.65 -12.02
C LYS C 110 50.04 13.12 -11.34
N LEU C 111 48.94 13.13 -12.06
CA LEU C 111 47.71 12.45 -11.63
C LEU C 111 47.82 10.92 -11.62
N ILE C 112 47.46 10.28 -10.52
CA ILE C 112 47.66 8.83 -10.39
C ILE C 112 46.28 8.31 -10.05
N GLY C 113 45.32 9.20 -9.76
CA GLY C 113 43.96 8.68 -9.44
C GLY C 113 42.92 9.74 -9.91
N PHE C 114 41.71 9.25 -10.11
CA PHE C 114 40.61 10.10 -10.56
C PHE C 114 39.30 9.44 -10.18
N ILE C 115 38.30 10.25 -9.84
CA ILE C 115 36.91 9.79 -9.81
C ILE C 115 35.99 10.98 -10.10
N SER C 116 34.82 10.73 -10.68
CA SER C 116 33.92 11.88 -10.94
C SER C 116 32.48 11.51 -10.74
N ALA C 117 31.68 12.54 -10.60
CA ALA C 117 30.23 12.42 -10.65
C ALA C 117 29.57 13.63 -11.22
N ILE C 118 28.35 13.45 -11.72
CA ILE C 118 27.52 14.55 -12.19
C ILE C 118 26.15 14.37 -11.57
N PRO C 119 25.43 15.46 -11.32
CA PRO C 119 24.07 15.35 -10.79
C PRO C 119 22.99 14.98 -11.81
N THR C 120 22.05 14.12 -11.42
CA THR C 120 20.93 13.85 -12.37
C THR C 120 19.76 13.32 -11.54
N ASP C 121 18.53 13.56 -12.00
CA ASP C 121 17.36 12.97 -11.35
C ASP C 121 17.15 11.61 -11.92
N ILE C 122 17.00 10.58 -11.05
CA ILE C 122 16.88 9.22 -11.48
C ILE C 122 15.55 8.72 -10.99
N CYS C 123 14.78 8.11 -11.88
CA CYS C 123 13.48 7.53 -11.52
C CYS C 123 13.67 6.06 -11.44
N ILE C 124 13.54 5.55 -10.20
CA ILE C 124 13.68 4.10 -9.93
C ILE C 124 12.32 3.62 -9.41
N HIS C 125 11.74 2.66 -10.13
CA HIS C 125 10.43 2.10 -9.77
C HIS C 125 9.44 3.23 -9.42
N LYS C 126 9.37 4.24 -10.30
CA LYS C 126 8.45 5.40 -10.17
C LYS C 126 8.72 6.41 -9.08
N ARG C 127 9.83 6.30 -8.36
CA ARG C 127 10.14 7.33 -7.39
C ARG C 127 11.31 8.10 -8.00
N THR C 128 11.21 9.43 -8.10
CA THR C 128 12.33 10.23 -8.64
C THR C 128 13.20 10.77 -7.53
N ILE C 129 14.52 10.52 -7.64
CA ILE C 129 15.39 10.86 -6.57
C ILE C 129 16.53 11.66 -7.19
N LYS C 130 16.99 12.69 -6.49
CA LYS C 130 18.17 13.36 -6.97
C LYS C 130 19.41 12.48 -6.68
N MET C 131 20.24 12.21 -7.70
CA MET C 131 21.38 11.29 -7.50
C MET C 131 22.64 11.88 -8.07
N ALA C 132 23.75 11.25 -7.71
CA ALA C 132 24.98 11.47 -8.42
C ALA C 132 25.22 10.24 -9.34
N GLU C 133 25.72 10.51 -10.56
CA GLU C 133 26.06 9.51 -11.52
C GLU C 133 27.57 9.44 -11.54
N VAL C 134 28.08 8.30 -11.04
CA VAL C 134 29.54 8.22 -10.80
C VAL C 134 30.19 7.50 -11.93
N ASN C 135 31.32 8.01 -12.39
CA ASN C 135 32.02 7.37 -13.51
C ASN C 135 33.53 7.76 -13.52
N PHE C 136 34.31 7.02 -14.29
CA PHE C 136 35.70 7.30 -14.52
C PHE C 136 36.60 7.07 -13.27
N LEU C 137 36.20 6.19 -12.36
CA LEU C 137 37.13 5.78 -11.31
C LEU C 137 38.36 5.12 -11.93
N CYS C 138 39.53 5.58 -11.54
CA CYS C 138 40.79 5.12 -12.13
C CYS C 138 41.96 5.30 -11.14
N VAL C 139 42.72 4.25 -10.93
CA VAL C 139 43.97 4.25 -10.17
C VAL C 139 45.07 3.75 -11.13
N HIS C 140 46.16 4.50 -11.19
CA HIS C 140 47.27 4.13 -11.99
C HIS C 140 47.65 2.66 -11.77
N LYS C 141 48.07 2.03 -12.88
CA LYS C 141 48.42 0.57 -12.85
C LYS C 141 49.48 0.23 -11.86
N THR C 142 50.41 1.14 -11.58
CA THR C 142 51.45 0.87 -10.60
C THR C 142 51.05 0.94 -9.11
N LEU C 143 49.79 1.33 -8.82
CA LEU C 143 49.30 1.66 -7.45
C LEU C 143 48.05 0.80 -7.20
N ARG C 144 47.95 -0.29 -7.95
CA ARG C 144 46.80 -1.19 -7.78
C ARG C 144 46.88 -2.10 -6.54
N SER C 145 45.70 -2.44 -6.03
CA SER C 145 45.53 -3.33 -4.89
C SER C 145 46.16 -2.79 -3.59
N LYS C 146 46.17 -1.46 -3.47
CA LYS C 146 46.58 -0.75 -2.28
C LYS C 146 45.44 -0.04 -1.54
N ARG C 147 44.20 -0.45 -1.81
CA ARG C 147 43.02 0.13 -1.12
C ARG C 147 42.92 1.63 -1.36
N LEU C 148 43.37 2.10 -2.53
CA LEU C 148 43.13 3.49 -2.84
C LEU C 148 41.75 3.77 -3.35
N ALA C 149 41.20 2.76 -4.03
CA ALA C 149 39.84 2.97 -4.59
C ALA C 149 38.78 3.35 -3.51
N PRO C 150 38.71 2.58 -2.39
CA PRO C 150 37.78 3.00 -1.32
C PRO C 150 38.02 4.44 -0.78
N VAL C 151 39.28 4.91 -0.80
CA VAL C 151 39.49 6.31 -0.44
C VAL C 151 38.81 7.26 -1.42
N LEU C 152 39.04 7.07 -2.72
CA LEU C 152 38.35 7.88 -3.73
C LEU C 152 36.82 7.81 -3.59
N ILE C 153 36.31 6.61 -3.33
CA ILE C 153 34.88 6.44 -3.19
C ILE C 153 34.33 7.16 -1.97
N LYS C 154 35.00 6.97 -0.84
CA LYS C 154 34.59 7.70 0.36
C LYS C 154 34.69 9.21 0.20
N GLU C 155 35.74 9.76 -0.46
CA GLU C 155 35.84 11.17 -0.52
C GLU C 155 34.78 11.76 -1.47
N ILE C 156 34.53 11.06 -2.60
CA ILE C 156 33.44 11.55 -3.43
C ILE C 156 32.03 11.42 -2.80
N THR C 157 31.80 10.37 -2.03
CA THR C 157 30.54 10.26 -1.30
C THR C 157 30.39 11.45 -0.38
N ARG C 158 31.51 11.77 0.33
CA ARG C 158 31.45 12.89 1.23
C ARG C 158 31.05 14.19 0.51
N ARG C 159 31.70 14.50 -0.62
CA ARG C 159 31.42 15.72 -1.35
C ARG C 159 29.99 15.78 -1.96
N ILE C 160 29.42 14.62 -2.23
CA ILE C 160 28.06 14.54 -2.80
C ILE C 160 27.07 14.77 -1.64
N ASN C 161 27.37 14.21 -0.47
CA ASN C 161 26.52 14.41 0.68
C ASN C 161 26.49 15.86 1.07
N LEU C 162 27.57 16.61 0.77
CA LEU C 162 27.57 18.05 1.11
C LEU C 162 26.58 18.87 0.27
N GLU C 163 26.08 18.23 -0.80
CA GLU C 163 25.06 18.76 -1.64
C GLU C 163 23.66 18.21 -1.28
N ASN C 164 23.53 17.55 -0.14
CA ASN C 164 22.27 16.95 0.33
C ASN C 164 21.78 15.89 -0.61
N ILE C 165 22.71 15.13 -1.17
CA ILE C 165 22.37 14.06 -2.10
C ILE C 165 22.92 12.83 -1.44
N TRP C 166 22.10 11.79 -1.43
CA TRP C 166 22.39 10.61 -0.62
C TRP C 166 22.32 9.29 -1.37
N GLN C 167 22.01 9.38 -2.67
CA GLN C 167 21.94 8.19 -3.54
C GLN C 167 22.84 8.40 -4.72
N ALA C 168 23.35 7.32 -5.29
CA ALA C 168 24.12 7.43 -6.54
C ALA C 168 23.76 6.28 -7.47
N ILE C 169 24.03 6.46 -8.76
CA ILE C 169 23.91 5.34 -9.74
C ILE C 169 25.29 5.16 -10.38
N TYR C 170 25.69 3.91 -10.63
CA TYR C 170 26.98 3.62 -11.28
C TYR C 170 26.86 2.28 -12.01
N THR C 171 27.80 2.04 -12.89
CA THR C 171 27.89 0.83 -13.62
C THR C 171 29.28 0.25 -13.53
N ALA C 172 29.37 -1.07 -13.68
CA ALA C 172 30.70 -1.68 -13.88
C ALA C 172 30.58 -3.01 -14.54
N GLY C 173 31.66 -3.46 -15.17
CA GLY C 173 31.70 -4.86 -15.68
C GLY C 173 31.95 -5.86 -14.61
N VAL C 174 32.48 -5.40 -13.46
CA VAL C 174 32.74 -6.35 -12.38
C VAL C 174 31.53 -6.55 -11.52
N TYR C 175 31.45 -7.75 -10.96
CA TYR C 175 30.38 -8.12 -10.07
C TYR C 175 30.67 -7.67 -8.61
N LEU C 176 29.79 -6.81 -8.08
CA LEU C 176 29.92 -6.18 -6.78
C LEU C 176 28.58 -6.25 -6.08
N PRO C 177 28.52 -5.99 -4.75
CA PRO C 177 27.19 -5.99 -4.07
C PRO C 177 26.45 -4.74 -4.35
N LYS C 178 25.22 -4.79 -4.90
CA LYS C 178 24.69 -5.95 -5.68
C LYS C 178 23.99 -5.27 -6.91
N PRO C 179 24.02 -5.89 -8.12
CA PRO C 179 23.36 -5.22 -9.19
C PRO C 179 21.86 -5.06 -8.99
N VAL C 180 21.33 -3.94 -9.49
CA VAL C 180 19.88 -3.91 -9.66
C VAL C 180 19.49 -4.51 -11.05
N SER C 181 20.42 -4.58 -11.99
CA SER C 181 20.18 -5.24 -13.28
C SER C 181 21.54 -5.50 -13.93
N ASP C 182 21.55 -6.41 -14.91
CA ASP C 182 22.77 -6.78 -15.60
C ASP C 182 22.40 -6.83 -17.07
N ALA C 183 23.22 -6.18 -17.90
CA ALA C 183 22.95 -6.12 -19.34
C ALA C 183 24.14 -6.60 -20.15
N ARG C 184 23.96 -7.71 -20.88
CA ARG C 184 24.91 -8.16 -21.84
C ARG C 184 25.21 -7.13 -22.94
N TYR C 185 26.48 -7.01 -23.33
CA TYR C 185 26.72 -6.24 -24.53
CA TYR C 185 26.87 -6.25 -24.50
CA TYR C 185 26.85 -6.26 -24.52
C TYR C 185 26.74 -7.10 -25.77
N TYR C 186 26.34 -6.47 -26.88
CA TYR C 186 26.29 -7.06 -28.24
C TYR C 186 26.99 -6.15 -29.25
N HIS C 187 27.53 -6.74 -30.28
CA HIS C 187 28.41 -6.00 -31.23
C HIS C 187 27.98 -6.28 -32.65
N ARG C 188 27.78 -5.22 -33.44
N ARG C 188 27.81 -5.23 -33.44
CA ARG C 188 27.53 -5.31 -34.89
CA ARG C 188 27.53 -5.36 -34.88
C ARG C 188 28.78 -4.89 -35.62
C ARG C 188 28.75 -4.90 -35.63
N SER C 189 29.43 -5.82 -36.31
CA SER C 189 30.60 -5.48 -37.09
C SER C 189 30.33 -4.65 -38.32
N ILE C 190 31.11 -3.58 -38.52
CA ILE C 190 31.02 -2.75 -39.66
C ILE C 190 32.30 -2.89 -40.50
N ASN C 191 33.47 -2.76 -39.87
CA ASN C 191 34.69 -2.90 -40.65
C ASN C 191 35.16 -4.33 -40.48
N VAL C 192 34.56 -5.26 -41.23
CA VAL C 192 34.70 -6.66 -40.88
C VAL C 192 36.15 -7.10 -40.97
N LYS C 193 36.87 -6.57 -41.93
CA LYS C 193 38.27 -6.94 -42.15
C LYS C 193 39.15 -6.61 -40.94
N LYS C 194 38.93 -5.44 -40.36
CA LYS C 194 39.77 -5.05 -39.23
C LYS C 194 39.42 -5.87 -37.98
N LEU C 195 38.14 -6.17 -37.80
CA LEU C 195 37.73 -6.90 -36.63
C LEU C 195 38.26 -8.32 -36.67
N ILE C 196 38.46 -8.85 -37.87
CA ILE C 196 39.00 -10.21 -37.96
C ILE C 196 40.49 -10.21 -37.67
N GLU C 197 41.22 -9.27 -38.26
CA GLU C 197 42.66 -9.15 -38.02
C GLU C 197 43.02 -9.03 -36.54
N ILE C 198 42.29 -8.21 -35.78
CA ILE C 198 42.58 -8.06 -34.35
C ILE C 198 42.03 -9.24 -33.51
N GLY C 199 41.45 -10.25 -34.15
CA GLY C 199 40.99 -11.44 -33.43
C GLY C 199 39.83 -12.14 -34.10
N VAL C 218 26.17 -3.65 -46.54
CA VAL C 218 25.04 -2.88 -46.03
C VAL C 218 24.58 -1.89 -47.10
N GLU C 219 23.29 -1.77 -47.25
CA GLU C 219 22.76 -0.86 -48.25
C GLU C 219 22.88 0.59 -47.73
N ASP C 220 23.57 1.44 -48.46
CA ASP C 220 23.67 2.85 -48.12
C ASP C 220 22.38 3.72 -48.32
N THR C 221 21.22 3.21 -47.97
CA THR C 221 19.99 3.99 -47.97
C THR C 221 19.22 3.85 -46.67
N LEU C 222 18.75 4.97 -46.15
CA LEU C 222 17.99 4.97 -44.89
C LEU C 222 16.60 4.44 -45.12
N ASN C 223 16.13 3.65 -44.16
CA ASN C 223 14.72 3.33 -44.07
C ASN C 223 13.85 4.54 -43.79
N ILE C 224 14.37 5.45 -42.99
CA ILE C 224 13.63 6.64 -42.65
C ILE C 224 14.34 7.81 -43.38
N LYS C 225 13.85 8.12 -44.58
CA LYS C 225 14.65 8.96 -45.53
C LYS C 225 15.06 10.31 -44.98
N ASN C 226 14.24 10.92 -44.11
CA ASN C 226 14.54 12.29 -43.60
C ASN C 226 15.35 12.41 -42.30
N MET C 227 15.88 11.27 -41.82
CA MET C 227 16.65 11.25 -40.61
CA MET C 227 16.67 11.28 -40.59
C MET C 227 17.83 12.21 -40.80
N ARG C 228 17.96 13.19 -39.92
CA ARG C 228 18.97 14.24 -40.09
C ARG C 228 19.62 14.66 -38.76
N LEU C 229 20.82 15.23 -38.81
CA LEU C 229 21.46 15.72 -37.57
C LEU C 229 20.52 16.65 -36.82
N MET C 230 20.45 16.44 -35.49
CA MET C 230 19.71 17.25 -34.58
C MET C 230 20.26 18.69 -34.54
N LYS C 231 19.35 19.64 -34.42
N LYS C 231 19.32 19.63 -34.49
CA LYS C 231 19.80 21.00 -34.25
CA LYS C 231 19.61 21.08 -34.45
C LYS C 231 19.06 21.61 -33.09
C LYS C 231 19.00 21.65 -33.17
N LYS C 232 19.50 22.81 -32.72
CA LYS C 232 18.88 23.52 -31.60
C LYS C 232 17.36 23.62 -31.57
N LYS C 233 16.73 23.79 -32.76
CA LYS C 233 15.30 23.95 -32.84
C LYS C 233 14.55 22.67 -32.47
N ASP C 234 15.29 21.54 -32.53
CA ASP C 234 14.68 20.21 -32.25
C ASP C 234 14.65 19.87 -30.76
N VAL C 235 15.35 20.65 -29.94
CA VAL C 235 15.45 20.33 -28.49
C VAL C 235 14.09 20.00 -27.85
N GLU C 236 13.13 20.94 -27.97
CA GLU C 236 11.80 20.75 -27.42
CA GLU C 236 11.84 20.72 -27.38
C GLU C 236 11.17 19.43 -27.89
N GLY C 237 11.27 19.15 -29.19
CA GLY C 237 10.64 17.94 -29.71
C GLY C 237 11.30 16.67 -29.25
N VAL C 238 12.63 16.69 -29.12
CA VAL C 238 13.34 15.52 -28.58
C VAL C 238 13.02 15.29 -27.06
N HIS C 239 12.83 16.41 -26.34
CA HIS C 239 12.53 16.37 -24.97
C HIS C 239 11.17 15.70 -24.79
N LYS C 240 10.21 16.10 -25.63
CA LYS C 240 8.86 15.50 -25.67
C LYS C 240 8.88 14.01 -25.95
N LEU C 241 9.53 13.66 -27.08
CA LEU C 241 9.60 12.29 -27.56
C LEU C 241 10.36 11.36 -26.58
N LEU C 242 11.59 11.76 -26.23
CA LEU C 242 12.39 10.94 -25.33
C LEU C 242 11.78 10.91 -23.94
N GLY C 243 11.23 12.03 -23.45
CA GLY C 243 10.79 12.08 -22.02
C GLY C 243 9.57 11.17 -21.89
N SER C 244 8.75 11.15 -22.95
CA SER C 244 7.53 10.34 -22.92
CA SER C 244 7.51 10.35 -22.90
C SER C 244 7.89 8.86 -22.98
N TYR C 245 8.82 8.52 -23.85
CA TYR C 245 9.27 7.14 -24.06
C TYR C 245 9.88 6.50 -22.81
N LEU C 246 10.76 7.23 -22.15
CA LEU C 246 11.46 6.66 -20.95
C LEU C 246 10.55 6.30 -19.75
N GLU C 247 9.38 6.95 -19.64
CA GLU C 247 8.44 6.67 -18.51
C GLU C 247 8.03 5.23 -18.40
N GLN C 248 8.06 4.48 -19.48
CA GLN C 248 7.74 3.06 -19.38
C GLN C 248 8.78 2.20 -18.54
N PHE C 249 10.02 2.69 -18.32
CA PHE C 249 11.06 1.84 -17.76
C PHE C 249 11.14 1.93 -16.22
N ASN C 250 11.81 0.96 -15.65
CA ASN C 250 11.94 0.88 -14.20
C ASN C 250 13.13 1.71 -13.67
N LEU C 251 14.01 2.16 -14.56
CA LEU C 251 15.12 2.97 -14.11
C LEU C 251 15.44 3.86 -15.28
N TYR C 252 15.45 5.18 -15.08
CA TYR C 252 15.70 6.15 -16.16
C TYR C 252 15.98 7.52 -15.54
N ALA C 253 16.77 8.31 -16.30
CA ALA C 253 16.93 9.65 -16.00
C ALA C 253 15.75 10.51 -16.46
N VAL C 254 15.39 11.49 -15.61
CA VAL C 254 14.30 12.43 -15.90
C VAL C 254 14.99 13.69 -16.45
N PHE C 255 15.07 13.80 -17.78
CA PHE C 255 15.84 14.92 -18.43
C PHE C 255 15.04 16.20 -18.43
N THR C 256 15.69 17.28 -18.06
CA THR C 256 15.09 18.56 -18.33
C THR C 256 15.43 19.01 -19.78
N LYS C 257 14.89 20.17 -20.21
CA LYS C 257 15.15 20.68 -21.57
C LYS C 257 16.65 21.00 -21.73
N GLU C 258 17.23 21.58 -20.67
CA GLU C 258 18.64 22.01 -20.69
C GLU C 258 19.51 20.74 -20.79
N GLU C 259 19.01 19.66 -20.21
CA GLU C 259 19.75 18.41 -20.17
C GLU C 259 19.67 17.74 -21.56
N ILE C 260 18.51 17.84 -22.21
CA ILE C 260 18.32 17.28 -23.56
C ILE C 260 19.28 18.04 -24.45
N ALA C 261 19.36 19.37 -24.31
CA ALA C 261 20.28 20.10 -25.20
C ALA C 261 21.74 19.64 -24.99
N HIS C 262 22.12 19.50 -23.71
CA HIS C 262 23.52 19.08 -23.42
C HIS C 262 23.79 17.67 -23.94
N TRP C 263 22.88 16.76 -23.63
CA TRP C 263 23.28 15.38 -23.90
C TRP C 263 23.11 14.87 -25.37
N PHE C 264 22.32 15.58 -26.19
CA PHE C 264 21.99 15.17 -27.52
C PHE C 264 22.46 16.10 -28.60
N LEU C 265 22.68 17.39 -28.35
CA LEU C 265 23.04 18.18 -29.57
C LEU C 265 24.42 17.68 -30.00
N PRO C 266 24.61 17.50 -31.32
CA PRO C 266 25.75 16.75 -31.77
C PRO C 266 27.03 17.52 -31.63
N ILE C 267 28.06 16.76 -31.37
CA ILE C 267 29.48 17.23 -31.23
C ILE C 267 30.29 16.17 -31.93
N GLU C 268 30.89 16.55 -33.06
N GLU C 268 30.98 16.60 -32.99
CA GLU C 268 31.65 15.58 -33.85
CA GLU C 268 31.92 15.75 -33.74
C GLU C 268 32.63 14.80 -32.97
C GLU C 268 32.71 14.79 -32.88
N ASN C 269 32.68 13.49 -33.23
CA ASN C 269 33.50 12.49 -32.54
C ASN C 269 33.23 12.37 -31.07
N VAL C 270 32.04 12.77 -30.65
CA VAL C 270 31.60 12.59 -29.24
C VAL C 270 30.17 12.04 -29.17
N ILE C 271 29.24 12.83 -29.69
CA ILE C 271 27.82 12.43 -29.64
C ILE C 271 27.14 12.74 -30.99
N TYR C 272 26.32 11.79 -31.45
CA TYR C 272 25.63 11.86 -32.75
C TYR C 272 24.21 11.63 -32.43
N THR C 273 23.38 12.62 -32.78
CA THR C 273 21.91 12.51 -32.66
C THR C 273 21.27 12.89 -33.96
N TYR C 274 20.35 12.05 -34.39
CA TYR C 274 19.61 12.25 -35.66
C TYR C 274 18.13 12.19 -35.35
N VAL C 275 17.37 13.01 -36.08
CA VAL C 275 15.94 13.11 -35.85
C VAL C 275 15.17 13.08 -37.17
N ASN C 276 13.92 12.61 -37.07
CA ASN C 276 12.97 12.62 -38.16
C ASN C 276 11.85 13.55 -37.78
N GLU C 277 11.78 14.69 -38.50
CA GLU C 277 10.75 15.73 -38.27
C GLU C 277 9.65 15.53 -39.32
N GLU C 278 8.44 15.29 -38.87
CA GLU C 278 7.33 15.13 -39.78
C GLU C 278 6.18 15.99 -39.35
N ASN C 279 5.75 16.92 -40.22
CA ASN C 279 4.56 17.72 -39.87
C ASN C 279 4.80 18.56 -38.62
N GLY C 280 6.03 19.08 -38.52
CA GLY C 280 6.46 19.98 -37.47
C GLY C 280 6.57 19.30 -36.13
N LYS C 281 6.85 18.01 -36.09
CA LYS C 281 7.03 17.29 -34.81
C LYS C 281 8.18 16.33 -34.98
N ILE C 282 8.97 16.13 -33.92
CA ILE C 282 10.02 15.08 -33.98
C ILE C 282 9.38 13.73 -33.65
N LYS C 283 9.39 12.79 -34.60
CA LYS C 283 8.71 11.53 -34.39
C LYS C 283 9.63 10.35 -34.16
N ASP C 284 10.91 10.50 -34.51
CA ASP C 284 11.87 9.42 -34.38
C ASP C 284 13.20 10.03 -34.05
N MET C 285 14.04 9.31 -33.27
CA MET C 285 15.42 9.78 -32.98
C MET C 285 16.39 8.59 -32.86
N ILE C 286 17.61 8.86 -33.25
CA ILE C 286 18.71 7.89 -33.14
C ILE C 286 19.84 8.63 -32.45
N SER C 287 20.52 8.00 -31.48
CA SER C 287 21.75 8.64 -30.93
C SER C 287 22.75 7.54 -30.55
N PHE C 288 24.01 7.88 -30.69
CA PHE C 288 25.12 6.99 -30.31
C PHE C 288 26.31 7.85 -29.97
N TYR C 289 27.14 7.37 -29.03
CA TYR C 289 28.34 8.19 -28.73
C TYR C 289 29.56 7.52 -29.21
N SER C 290 30.66 8.31 -29.38
CA SER C 290 31.88 7.78 -29.97
C SER C 290 32.87 7.43 -28.87
N LEU C 291 33.39 6.19 -28.90
CA LEU C 291 34.31 5.76 -27.84
C LEU C 291 35.35 4.81 -28.38
N PRO C 292 36.49 5.33 -28.81
CA PRO C 292 37.52 4.43 -29.32
C PRO C 292 38.14 3.60 -28.17
N SER C 293 38.70 2.44 -28.57
CA SER C 293 39.58 1.65 -27.69
C SER C 293 40.93 1.56 -28.32
N GLN C 294 41.94 1.71 -27.49
CA GLN C 294 43.26 1.26 -27.91
C GLN C 294 43.31 -0.25 -28.08
N ILE C 295 43.95 -0.70 -29.18
CA ILE C 295 44.18 -2.14 -29.42
C ILE C 295 45.54 -2.50 -28.82
N LEU C 296 45.53 -3.21 -27.71
CA LEU C 296 46.78 -3.38 -26.97
C LEU C 296 47.70 -4.36 -27.66
N GLY C 297 48.94 -3.93 -27.81
CA GLY C 297 50.03 -4.84 -28.23
C GLY C 297 49.92 -5.24 -29.68
N ASN C 298 49.16 -4.44 -30.42
CA ASN C 298 48.94 -4.60 -31.86
C ASN C 298 49.72 -3.53 -32.60
N ASP C 299 50.62 -3.95 -33.49
CA ASP C 299 51.49 -3.02 -34.20
C ASP C 299 50.89 -2.61 -35.57
N LYS C 300 49.78 -3.24 -35.97
CA LYS C 300 49.20 -2.96 -37.30
C LYS C 300 48.06 -1.91 -37.23
N TYR C 301 47.31 -1.95 -36.13
CA TYR C 301 46.26 -0.95 -35.89
C TYR C 301 46.41 -0.39 -34.47
N SER C 302 46.34 0.92 -34.34
CA SER C 302 46.37 1.50 -33.01
C SER C 302 45.00 1.54 -32.25
N THR C 303 43.92 1.89 -32.94
CA THR C 303 42.60 2.17 -32.30
C THR C 303 41.46 1.42 -32.99
N LEU C 304 40.47 0.97 -32.22
CA LEU C 304 39.24 0.47 -32.79
C LEU C 304 38.23 1.61 -32.59
N ASN C 305 37.61 2.12 -33.65
CA ASN C 305 36.68 3.24 -33.50
C ASN C 305 35.28 2.72 -33.38
N ALA C 306 34.68 2.89 -32.22
CA ALA C 306 33.39 2.24 -31.88
C ALA C 306 32.35 3.27 -31.57
N ALA C 307 31.16 3.01 -32.09
CA ALA C 307 29.96 3.77 -31.73
C ALA C 307 29.13 2.93 -30.77
N TYR C 308 28.62 3.61 -29.77
CA TYR C 308 27.80 3.00 -28.70
C TYR C 308 26.41 3.53 -28.71
N SER C 309 25.40 2.63 -28.86
CA SER C 309 23.98 2.99 -28.86
C SER C 309 23.58 3.72 -27.59
N PHE C 310 22.83 4.80 -27.74
CA PHE C 310 22.52 5.68 -26.61
C PHE C 310 21.04 5.67 -26.39
N TYR C 311 20.30 6.62 -26.98
CA TYR C 311 18.83 6.53 -26.96
C TYR C 311 18.23 6.52 -28.34
N ASN C 312 17.27 5.66 -28.56
CA ASN C 312 16.70 5.48 -29.89
C ASN C 312 15.22 5.32 -29.69
N VAL C 313 14.40 6.11 -30.38
CA VAL C 313 12.93 6.06 -30.25
C VAL C 313 12.31 6.10 -31.64
N THR C 314 11.36 5.19 -31.93
CA THR C 314 10.63 5.29 -33.17
C THR C 314 9.14 5.24 -32.94
N THR C 315 8.41 6.12 -33.66
CA THR C 315 6.93 6.10 -33.67
C THR C 315 6.41 6.06 -35.11
N THR C 316 7.27 6.19 -36.12
CA THR C 316 6.83 6.02 -37.54
C THR C 316 7.33 4.77 -38.32
N ALA C 317 8.20 3.97 -37.69
CA ALA C 317 8.85 2.81 -38.29
C ALA C 317 8.95 1.67 -37.28
N THR C 318 9.43 0.51 -37.69
CA THR C 318 9.68 -0.48 -36.67
C THR C 318 10.99 -0.20 -35.94
N PHE C 319 11.11 -0.78 -34.74
CA PHE C 319 12.41 -0.65 -34.02
C PHE C 319 13.57 -1.25 -34.81
N LYS C 320 13.33 -2.38 -35.47
CA LYS C 320 14.35 -2.93 -36.31
C LYS C 320 14.84 -2.00 -37.44
N GLN C 321 13.87 -1.40 -38.11
CA GLN C 321 14.18 -0.37 -39.11
C GLN C 321 15.01 0.81 -38.57
N LEU C 322 14.60 1.36 -37.43
CA LEU C 322 15.31 2.45 -36.75
C LEU C 322 16.75 2.02 -36.42
N MET C 323 16.91 0.85 -35.85
CA MET C 323 18.31 0.38 -35.52
C MET C 323 19.17 0.06 -36.72
N GLN C 324 18.53 -0.43 -37.80
CA GLN C 324 19.23 -0.59 -39.07
C GLN C 324 19.77 0.74 -39.57
N ASP C 325 18.95 1.79 -39.49
CA ASP C 325 19.39 3.15 -39.83
C ASP C 325 20.47 3.65 -38.91
N ALA C 326 20.40 3.33 -37.61
CA ALA C 326 21.50 3.71 -36.71
C ALA C 326 22.85 3.10 -37.15
N ILE C 327 22.82 1.79 -37.45
CA ILE C 327 24.02 1.11 -37.96
C ILE C 327 24.54 1.80 -39.23
N LEU C 328 23.64 2.05 -40.18
CA LEU C 328 24.07 2.78 -41.37
C LEU C 328 24.71 4.14 -41.03
N LEU C 329 24.08 4.92 -40.14
CA LEU C 329 24.61 6.23 -39.79
C LEU C 329 25.96 6.12 -39.12
N ALA C 330 26.15 5.07 -38.33
CA ALA C 330 27.47 4.83 -37.74
C ALA C 330 28.50 4.45 -38.84
N LYS C 331 28.08 3.62 -39.81
CA LYS C 331 28.95 3.27 -40.93
C LYS C 331 29.32 4.55 -41.74
N ARG C 332 28.34 5.40 -41.98
CA ARG C 332 28.59 6.66 -42.72
C ARG C 332 29.58 7.56 -42.00
N ASN C 333 29.60 7.43 -40.65
CA ASN C 333 30.49 8.23 -39.81
C ASN C 333 31.78 7.53 -39.42
N ASN C 334 32.16 6.52 -40.24
CA ASN C 334 33.47 5.77 -40.19
CA ASN C 334 33.46 5.80 -40.16
C ASN C 334 33.71 4.92 -38.94
N PHE C 335 32.65 4.53 -38.28
CA PHE C 335 32.86 3.62 -37.16
C PHE C 335 33.20 2.20 -37.57
N ASP C 336 34.06 1.55 -36.80
CA ASP C 336 34.40 0.15 -37.11
C ASP C 336 33.40 -0.85 -36.57
N VAL C 337 32.63 -0.47 -35.55
CA VAL C 337 31.75 -1.44 -34.89
C VAL C 337 30.65 -0.63 -34.21
N PHE C 338 29.49 -1.24 -33.97
CA PHE C 338 28.37 -0.53 -33.38
C PHE C 338 27.93 -1.39 -32.23
N ASN C 339 28.03 -0.89 -31.00
CA ASN C 339 27.86 -1.66 -29.79
C ASN C 339 26.59 -1.25 -29.11
N ALA C 340 25.92 -2.23 -28.50
CA ALA C 340 24.64 -1.97 -27.84
C ALA C 340 24.52 -2.87 -26.65
N LEU C 341 23.76 -2.42 -25.67
CA LEU C 341 23.41 -3.26 -24.50
C LEU C 341 22.01 -3.78 -24.66
N GLU C 342 21.72 -4.87 -23.98
CA GLU C 342 20.38 -5.40 -24.00
C GLU C 342 19.37 -4.69 -23.13
N VAL C 343 19.41 -3.37 -23.17
CA VAL C 343 18.45 -2.46 -22.48
C VAL C 343 17.34 -1.98 -23.43
N MET C 344 16.33 -1.36 -22.82
CA MET C 344 15.18 -0.82 -23.55
C MET C 344 14.67 -1.91 -24.54
N GLN C 345 14.50 -1.58 -25.83
CA GLN C 345 13.94 -2.54 -26.84
C GLN C 345 15.05 -3.25 -27.60
N ASN C 346 16.32 -3.01 -27.24
CA ASN C 346 17.43 -3.45 -28.04
C ASN C 346 17.48 -4.97 -28.28
N LYS C 347 17.24 -5.79 -27.24
CA LYS C 347 17.41 -7.24 -27.43
C LYS C 347 16.60 -7.70 -28.68
N SER C 348 15.41 -7.14 -28.84
CA SER C 348 14.43 -7.59 -29.90
C SER C 348 14.99 -7.54 -31.32
N VAL C 349 16.01 -6.72 -31.56
CA VAL C 349 16.61 -6.58 -32.88
C VAL C 349 17.96 -7.21 -33.15
N PHE C 350 18.63 -7.72 -32.08
CA PHE C 350 20.01 -8.18 -32.23
C PHE C 350 20.16 -9.36 -33.21
N GLU C 351 19.21 -10.28 -33.18
CA GLU C 351 19.34 -11.42 -34.01
C GLU C 351 19.24 -10.98 -35.49
N ASP C 352 18.20 -10.24 -35.81
CA ASP C 352 17.91 -9.87 -37.21
C ASP C 352 18.90 -8.90 -37.74
N LEU C 353 19.44 -8.07 -36.85
CA LEU C 353 20.42 -7.15 -37.35
C LEU C 353 21.89 -7.62 -37.27
N LYS C 354 22.09 -8.92 -37.00
CA LYS C 354 23.43 -9.56 -37.13
C LYS C 354 24.42 -9.08 -36.05
N PHE C 355 23.90 -8.74 -34.88
CA PHE C 355 24.76 -8.49 -33.70
C PHE C 355 25.28 -9.85 -33.22
N GLY C 356 26.50 -9.90 -32.70
CA GLY C 356 26.94 -11.10 -31.92
C GLY C 356 27.01 -10.76 -30.45
N GLU C 357 26.48 -11.65 -29.60
CA GLU C 357 26.59 -11.55 -28.14
C GLU C 357 28.06 -11.38 -27.76
N GLY C 358 28.36 -10.47 -26.84
CA GLY C 358 29.79 -10.27 -26.42
C GLY C 358 30.21 -11.27 -25.33
N ASP C 359 31.37 -11.06 -24.72
CA ASP C 359 31.85 -11.97 -23.64
C ASP C 359 31.48 -11.58 -22.20
N GLY C 360 30.88 -10.42 -21.99
CA GLY C 360 30.61 -10.02 -20.63
C GLY C 360 29.37 -9.17 -20.54
N SER C 361 29.19 -8.52 -19.41
CA SER C 361 27.99 -7.71 -19.26
C SER C 361 28.35 -6.48 -18.41
N LEU C 362 27.44 -5.51 -18.43
CA LEU C 362 27.54 -4.31 -17.59
C LEU C 362 26.48 -4.41 -16.48
N LYS C 363 26.96 -4.27 -15.23
CA LYS C 363 26.09 -4.28 -14.06
C LYS C 363 25.68 -2.86 -13.69
N TYR C 364 24.40 -2.70 -13.46
CA TYR C 364 23.81 -1.41 -13.00
C TYR C 364 23.72 -1.48 -11.47
N TYR C 365 24.13 -0.40 -10.77
CA TYR C 365 24.14 -0.36 -9.33
C TYR C 365 23.57 0.91 -8.83
N LEU C 366 22.91 0.82 -7.68
CA LEU C 366 22.54 2.02 -6.91
C LEU C 366 23.21 2.01 -5.57
N TYR C 367 23.53 3.22 -5.10
CA TYR C 367 24.09 3.41 -3.77
C TYR C 367 23.02 3.92 -2.81
N ASN C 368 22.98 3.33 -1.62
CA ASN C 368 21.99 3.71 -0.65
C ASN C 368 20.50 3.65 -1.11
N TRP C 369 20.17 2.56 -1.81
CA TRP C 369 18.82 2.33 -2.32
C TRP C 369 18.55 0.84 -2.35
N LYS C 370 17.43 0.47 -1.80
CA LYS C 370 17.01 -0.89 -1.73
C LYS C 370 15.77 -1.03 -2.65
N CYS C 371 15.82 -2.01 -3.52
CA CYS C 371 14.68 -2.24 -4.46
C CYS C 371 14.87 -3.62 -5.07
N ALA C 372 13.79 -4.19 -5.65
CA ALA C 372 13.92 -5.43 -6.40
C ALA C 372 14.76 -5.17 -7.63
N SER C 373 15.55 -6.19 -7.92
CA SER C 373 16.33 -6.27 -9.15
C SER C 373 15.39 -6.61 -10.31
N PHE C 374 15.81 -6.31 -11.53
CA PHE C 374 14.92 -6.50 -12.67
C PHE C 374 15.70 -6.82 -13.95
N ALA C 375 14.96 -7.36 -14.91
CA ALA C 375 15.55 -7.71 -16.21
C ALA C 375 15.98 -6.44 -17.02
N PRO C 376 17.01 -6.55 -17.83
CA PRO C 376 17.57 -5.28 -18.41
C PRO C 376 16.64 -4.65 -19.49
N ALA C 377 15.64 -5.39 -19.97
CA ALA C 377 14.61 -4.78 -20.82
C ALA C 377 13.91 -3.65 -20.08
N HIS C 378 13.94 -3.70 -18.73
CA HIS C 378 13.40 -2.64 -17.88
C HIS C 378 14.31 -1.48 -17.49
N VAL C 379 15.52 -1.53 -17.99
CA VAL C 379 16.50 -0.46 -17.82
C VAL C 379 16.29 0.55 -18.99
N GLY C 380 16.11 1.81 -18.58
CA GLY C 380 15.94 2.90 -19.52
C GLY C 380 17.04 3.92 -19.45
N ILE C 381 18.25 3.53 -19.06
CA ILE C 381 19.33 4.55 -18.92
C ILE C 381 20.59 3.91 -19.46
N VAL C 382 21.44 4.77 -20.03
CA VAL C 382 22.70 4.29 -20.57
C VAL C 382 23.70 5.31 -20.08
N LEU C 383 24.66 4.76 -19.32
CA LEU C 383 25.69 5.63 -18.77
C LEU C 383 26.82 5.64 -19.75
N LEU C 384 27.73 6.61 -19.58
CA LEU C 384 28.87 6.72 -20.49
C LEU C 384 30.02 5.67 -20.31
#